data_4FOU
#
_entry.id   4FOU
#
_cell.length_a   126.787
_cell.length_b   126.787
_cell.length_c   107.317
_cell.angle_alpha   90.00
_cell.angle_beta   90.00
_cell.angle_gamma   120.00
#
_symmetry.space_group_name_H-M   'P 65'
#
loop_
_entity.id
_entity.type
_entity.pdbx_description
1 polymer FimX
2 polymer 'Type IV fimbriae assembly protein'
3 non-polymer "9,9'-[(2R,3R,3aS,5S,7aR,9R,10R,10aS,12S,14aR)-3,5,10,12-tetrahydroxy-5,12-dioxidooctahydro-2H,7H-difuro[3,2-d:3',2'-j][1,3,7,9,2,8]tetraoxadiphosphacyclododecine-2,9-diyl]bis(2-amino-1,9-dihydro-6H-purin-6-one)"
4 non-polymer 'CALCIUM ION'
5 non-polymer GLYCEROL
6 water water
#
loop_
_entity_poly.entity_id
_entity_poly.type
_entity_poly.pdbx_seq_one_letter_code
_entity_poly.pdbx_strand_id
1 'polypeptide(L)'
;VSIYDPAAADRAEEERIERWVEQLREALVGDGFLLHYQPVLNLQGEPLELYQAFLRLERNGEMMSPNAFMAIAEEHDLVT
EIDRWVVARAIRQLGERQRAGHKTHLLVRIGPNSFSDPQMIDTIREQLAVYGVPGERLWLQTPESKVFTHLRNAQQFLAA
VSAMDCKVGLEQFGSGLDSFQLLAHFHPAFLKLDRGITGDIASARDSQEKIREITSRAQPAGILTMAEFVADAQSMSSFF
SAGVDYVQGDFVAPTGPLMNYEFG
;
A,B
2 'polypeptide(L)'
;MSAMNARQGILSLALKDKPALYSAYMPFVKGGGIFVPTPKRYMLGDEVFLLLTLPDSSERLPVAGKVIWTTPAGAQGNRA
AGIGVQFPDGPEGEAVRNKIETLLAGLTTSDKPTHTM
;
D,C
#
loop_
_chem_comp.id
_chem_comp.type
_chem_comp.name
_chem_comp.formula
C2E non-polymer 9,9'-[(2R,3R,3aS,5S,7aR,9R,10R,10aS,12S,14aR)-3,5,10,12-tetrahydroxy-5,12-dioxidooctahydro-2H,7H-difuro[3,2-d:3',2'-j][1,3,7,9,2,8]tetraoxadiphosphacyclododecine-2,9-diyl]bis(2-amino-1,9-dihydro-6H-purin-6-one) 'C20 H24 N10 O14 P2'
CA non-polymer 'CALCIUM ION' 'Ca 2'
GOL non-polymer GLYCEROL 'C3 H8 O3'
#
# COMPACT_ATOMS: atom_id res chain seq x y z
N ILE A 3 -32.04 -24.30 0.24
CA ILE A 3 -31.58 -23.53 -0.95
C ILE A 3 -30.87 -22.24 -0.49
N TYR A 4 -29.75 -21.94 -1.12
CA TYR A 4 -28.95 -20.76 -0.78
C TYR A 4 -29.71 -19.51 -1.24
N ASP A 5 -29.86 -18.53 -0.35
CA ASP A 5 -30.53 -17.25 -0.64
C ASP A 5 -29.48 -16.13 -0.54
N PRO A 6 -28.98 -15.66 -1.70
CA PRO A 6 -27.89 -14.67 -1.75
C PRO A 6 -28.21 -13.32 -1.09
N ALA A 7 -29.47 -12.87 -1.22
CA ALA A 7 -29.89 -11.58 -0.67
C ALA A 7 -29.90 -11.66 0.85
N ALA A 8 -30.37 -12.79 1.37
CA ALA A 8 -30.31 -13.11 2.81
C ALA A 8 -28.87 -13.17 3.35
N ALA A 9 -27.97 -13.84 2.62
CA ALA A 9 -26.55 -13.88 3.01
C ALA A 9 -25.96 -12.46 3.08
N ASP A 10 -26.25 -11.63 2.08
CA ASP A 10 -25.80 -10.24 2.03
C ASP A 10 -26.19 -9.41 3.26
N ARG A 11 -27.39 -9.68 3.80
CA ARG A 11 -27.92 -8.96 4.97
C ARG A 11 -27.36 -9.52 6.27
N ALA A 12 -26.98 -10.79 6.26
CA ALA A 12 -26.46 -11.43 7.47
C ALA A 12 -24.98 -11.06 7.74
N GLU A 13 -24.29 -10.52 6.72
CA GLU A 13 -22.85 -10.19 6.81
C GLU A 13 -22.58 -9.19 7.94
N GLU A 14 -23.25 -8.05 7.87
CA GLU A 14 -23.11 -6.98 8.87
C GLU A 14 -23.14 -7.59 10.27
N GLU A 15 -24.06 -8.50 10.51
CA GLU A 15 -24.21 -9.17 11.80
C GLU A 15 -23.07 -10.14 12.10
N ARG A 16 -22.57 -10.84 11.09
CA ARG A 16 -21.41 -11.70 11.32
C ARG A 16 -20.19 -10.89 11.82
N ILE A 17 -19.97 -9.72 11.20
CA ILE A 17 -18.88 -8.83 11.59
C ILE A 17 -19.05 -8.36 13.04
N GLU A 18 -20.29 -8.04 13.45
CA GLU A 18 -20.54 -7.56 14.84
C GLU A 18 -20.17 -8.57 15.90
N ARG A 19 -20.46 -9.84 15.65
CA ARG A 19 -20.09 -10.92 16.58
C ARG A 19 -18.57 -11.07 16.74
N TRP A 20 -17.87 -11.02 15.63
CA TRP A 20 -16.40 -10.96 15.63
C TRP A 20 -15.83 -9.81 16.47
N VAL A 21 -16.33 -8.59 16.24
CA VAL A 21 -15.87 -7.44 17.02
C VAL A 21 -16.12 -7.65 18.51
N GLU A 22 -17.30 -8.14 18.88
CA GLU A 22 -17.56 -8.43 20.27
C GLU A 22 -16.66 -9.51 20.80
N GLN A 23 -16.38 -10.53 20.02
CA GLN A 23 -15.45 -11.55 20.47
C GLN A 23 -14.08 -10.95 20.73
N LEU A 24 -13.61 -10.07 19.84
CA LEU A 24 -12.34 -9.39 20.04
C LEU A 24 -12.36 -8.52 21.29
N ARG A 25 -13.40 -7.72 21.44
CA ARG A 25 -13.48 -6.88 22.66
C ARG A 25 -13.48 -7.71 23.93
N GLU A 26 -14.18 -8.85 23.90
CA GLU A 26 -14.17 -9.75 25.04
C GLU A 26 -12.81 -10.38 25.33
N ALA A 27 -12.04 -10.69 24.27
CA ALA A 27 -10.68 -11.15 24.45
C ALA A 27 -9.75 -10.08 25.03
N LEU A 28 -10.03 -8.79 24.91
N LEU A 28 -10.05 -8.82 24.76
CA LEU A 28 -9.11 -7.80 25.53
CA LEU A 28 -9.32 -7.70 25.33
C LEU A 28 -9.03 -7.88 27.08
C LEU A 28 -9.69 -7.57 26.81
N VAL A 29 -10.07 -8.45 27.69
N VAL A 29 -10.98 -7.73 27.10
CA VAL A 29 -10.17 -8.62 29.14
CA VAL A 29 -11.51 -7.65 28.46
C VAL A 29 -9.31 -9.80 29.58
C VAL A 29 -11.42 -9.01 29.25
N GLY A 30 -9.79 -11.01 29.32
N GLY A 30 -11.69 -10.17 28.61
CA GLY A 30 -9.19 -12.23 29.89
CA GLY A 30 -11.57 -11.50 29.28
C GLY A 30 -7.99 -12.97 29.28
C GLY A 30 -10.76 -12.62 28.63
N ASP A 31 -8.11 -14.31 29.27
N ASP A 31 -11.30 -13.82 28.60
CA ASP A 31 -7.13 -15.21 28.66
CA ASP A 31 -10.62 -14.92 27.97
C ASP A 31 -7.61 -15.90 27.37
C ASP A 31 -10.70 -14.80 26.46
N GLY A 32 -8.62 -15.36 26.70
N GLY A 32 -9.73 -15.43 25.80
CA GLY A 32 -9.06 -15.86 25.39
CA GLY A 32 -9.64 -15.38 24.35
C GLY A 32 -7.95 -15.74 24.32
C GLY A 32 -8.22 -15.48 23.82
N PHE A 33 -7.31 -14.59 24.25
CA PHE A 33 -5.97 -14.54 23.58
C PHE A 33 -4.94 -15.39 24.34
N LEU A 34 -3.92 -15.83 23.64
CA LEU A 34 -2.75 -16.47 24.23
C LEU A 34 -1.55 -16.22 23.35
N LEU A 35 -0.38 -16.65 23.81
CA LEU A 35 0.83 -16.47 23.08
C LEU A 35 1.44 -17.79 22.85
N HIS A 36 1.93 -18.01 21.63
CA HIS A 36 2.91 -19.06 21.36
C HIS A 36 4.25 -18.37 21.18
N TYR A 37 5.31 -19.18 21.16
CA TYR A 37 6.73 -18.78 21.33
C TYR A 37 7.59 -19.46 20.29
N GLN A 38 8.46 -18.66 19.65
CA GLN A 38 9.46 -19.19 18.70
C GLN A 38 10.86 -18.86 19.23
N PRO A 39 11.71 -19.88 19.48
CA PRO A 39 13.06 -19.70 19.91
C PRO A 39 13.82 -18.84 18.91
N VAL A 40 14.66 -17.96 19.42
CA VAL A 40 15.53 -17.11 18.57
C VAL A 40 16.91 -17.40 19.00
N LEU A 41 17.69 -18.02 18.11
CA LEU A 41 19.00 -18.54 18.51
C LEU A 41 20.19 -17.64 18.13
N ASN A 42 21.09 -17.38 19.07
CA ASN A 42 22.37 -16.74 18.77
C ASN A 42 23.27 -17.61 17.88
N LEU A 43 23.62 -17.07 16.70
CA LEU A 43 24.43 -17.73 15.72
C LEU A 43 25.94 -17.70 16.02
N GLN A 44 26.39 -16.78 16.86
CA GLN A 44 27.83 -16.43 16.96
C GLN A 44 28.52 -16.83 18.27
N GLY A 45 27.76 -16.91 19.34
CA GLY A 45 28.31 -17.28 20.67
C GLY A 45 27.24 -17.77 21.65
N GLU A 46 27.56 -17.69 22.95
CA GLU A 46 26.68 -18.21 24.02
C GLU A 46 25.30 -17.56 23.89
N PRO A 47 24.25 -18.38 23.84
CA PRO A 47 22.93 -17.83 23.50
C PRO A 47 22.09 -17.43 24.68
N LEU A 48 21.49 -16.25 24.60
N LEU A 48 21.49 -16.24 24.59
CA LEU A 48 20.44 -15.88 25.54
CA LEU A 48 20.40 -15.84 25.45
C LEU A 48 19.23 -16.77 25.30
C LEU A 48 19.22 -16.79 25.29
N GLU A 49 18.45 -16.98 26.35
CA GLU A 49 17.19 -17.67 26.25
C GLU A 49 16.15 -16.66 25.76
N LEU A 50 15.91 -16.64 24.45
CA LEU A 50 15.13 -15.61 23.79
C LEU A 50 14.11 -16.23 22.92
N TYR A 51 12.87 -15.78 23.06
CA TYR A 51 11.83 -16.23 22.24
C TYR A 51 11.08 -15.05 21.69
N GLN A 52 10.47 -15.25 20.51
CA GLN A 52 9.52 -14.28 19.98
C GLN A 52 8.13 -14.74 20.28
N ALA A 53 7.25 -13.82 20.70
CA ALA A 53 5.86 -14.14 20.95
C ALA A 53 5.03 -13.96 19.70
N PHE A 54 4.09 -14.87 19.51
CA PHE A 54 3.06 -14.78 18.49
C PHE A 54 1.68 -14.89 19.14
N LEU A 55 0.81 -13.92 18.86
CA LEU A 55 -0.54 -13.93 19.31
C LEU A 55 -1.45 -15.00 18.61
N ARG A 56 -2.28 -15.68 19.41
CA ARG A 56 -3.40 -16.49 18.89
C ARG A 56 -4.68 -16.13 19.62
N LEU A 57 -5.80 -16.41 18.99
CA LEU A 57 -7.09 -16.36 19.66
C LEU A 57 -7.61 -17.77 19.71
N GLU A 58 -8.06 -18.19 20.89
CA GLU A 58 -8.56 -19.54 21.09
C GLU A 58 -9.99 -19.42 21.57
N ARG A 59 -10.87 -20.25 20.98
CA ARG A 59 -12.28 -20.35 21.35
C ARG A 59 -12.65 -21.84 21.33
N ASN A 60 -12.95 -22.41 22.50
CA ASN A 60 -13.38 -23.81 22.65
C ASN A 60 -12.50 -24.84 21.91
N GLY A 61 -11.20 -24.75 22.11
CA GLY A 61 -10.24 -25.64 21.43
C GLY A 61 -9.85 -25.25 20.01
N GLU A 62 -10.61 -24.37 19.35
CA GLU A 62 -10.18 -23.82 18.04
C GLU A 62 -9.12 -22.70 18.21
N MET A 63 -8.05 -22.75 17.41
CA MET A 63 -6.93 -21.82 17.45
C MET A 63 -6.87 -20.98 16.16
N MET A 64 -6.75 -19.67 16.30
CA MET A 64 -6.73 -18.76 15.19
C MET A 64 -5.51 -17.86 15.17
N SER A 65 -4.96 -17.73 13.97
CA SER A 65 -3.85 -16.81 13.70
C SER A 65 -4.39 -15.38 13.66
N PRO A 66 -3.55 -14.37 13.95
CA PRO A 66 -4.04 -13.02 13.70
C PRO A 66 -4.51 -12.75 12.28
N ASN A 67 -4.05 -13.53 11.31
CA ASN A 67 -4.55 -13.36 9.92
C ASN A 67 -6.05 -13.65 9.76
N ALA A 68 -6.62 -14.40 10.71
CA ALA A 68 -8.06 -14.67 10.69
C ALA A 68 -8.89 -13.43 11.11
N PHE A 69 -8.34 -12.58 11.97
CA PHE A 69 -9.11 -11.50 12.59
C PHE A 69 -8.53 -10.08 12.50
N MET A 70 -7.32 -9.93 11.98
CA MET A 70 -6.67 -8.63 12.04
C MET A 70 -7.31 -7.57 11.11
N ALA A 71 -7.96 -8.02 10.04
CA ALA A 71 -8.67 -7.08 9.16
C ALA A 71 -9.87 -6.45 9.87
N ILE A 72 -10.58 -7.25 10.64
CA ILE A 72 -11.64 -6.74 11.48
C ILE A 72 -11.12 -5.81 12.57
N ALA A 73 -10.04 -6.21 13.23
CA ALA A 73 -9.41 -5.42 14.28
C ALA A 73 -9.01 -4.03 13.73
N GLU A 74 -8.36 -4.00 12.56
CA GLU A 74 -7.98 -2.75 11.93
C GLU A 74 -9.18 -1.86 11.63
N GLU A 75 -10.25 -2.45 11.10
CA GLU A 75 -11.44 -1.69 10.71
C GLU A 75 -12.09 -1.08 11.95
N HIS A 76 -11.97 -1.73 13.10
CA HIS A 76 -12.58 -1.20 14.33
C HIS A 76 -11.58 -0.58 15.31
N ASP A 77 -10.38 -0.26 14.83
CA ASP A 77 -9.33 0.42 15.57
CA ASP A 77 -9.39 0.48 15.60
C ASP A 77 -9.08 -0.26 16.90
N LEU A 78 -8.89 -1.58 16.83
CA LEU A 78 -8.55 -2.39 18.00
C LEU A 78 -7.09 -2.82 18.04
N VAL A 79 -6.28 -2.46 17.03
CA VAL A 79 -4.92 -2.95 16.97
C VAL A 79 -4.05 -2.44 18.13
N THR A 80 -4.23 -1.20 18.55
CA THR A 80 -3.42 -0.69 19.64
C THR A 80 -3.76 -1.40 20.98
N GLU A 81 -5.00 -1.74 21.22
CA GLU A 81 -5.45 -2.45 22.40
C GLU A 81 -4.92 -3.87 22.39
N ILE A 82 -5.00 -4.51 21.24
CA ILE A 82 -4.44 -5.85 21.09
C ILE A 82 -2.96 -5.86 21.35
N ASP A 83 -2.19 -4.92 20.77
CA ASP A 83 -0.77 -4.90 21.05
C ASP A 83 -0.46 -4.65 22.59
N ARG A 84 -1.24 -3.79 23.25
N ARG A 84 -1.24 -3.79 23.24
N ARG A 84 -1.23 -3.79 23.26
CA ARG A 84 -1.11 -3.60 24.72
CA ARG A 84 -1.10 -3.59 24.69
CA ARG A 84 -1.03 -3.62 24.71
C ARG A 84 -1.35 -4.93 25.43
C ARG A 84 -1.36 -4.92 25.43
C ARG A 84 -1.34 -4.95 25.43
N TRP A 85 -2.38 -5.66 25.00
CA TRP A 85 -2.68 -6.99 25.59
C TRP A 85 -1.47 -7.94 25.49
N VAL A 86 -0.83 -7.97 24.31
CA VAL A 86 0.32 -8.84 24.08
C VAL A 86 1.50 -8.46 24.96
N VAL A 87 1.80 -7.17 25.05
CA VAL A 87 2.90 -6.73 25.86
C VAL A 87 2.66 -7.08 27.34
N ALA A 88 1.45 -6.79 27.87
CA ALA A 88 1.11 -7.18 29.26
C ALA A 88 1.29 -8.71 29.55
N ARG A 89 0.78 -9.53 28.66
CA ARG A 89 0.83 -10.98 28.75
C ARG A 89 2.25 -11.49 28.69
N ALA A 90 3.06 -10.88 27.81
CA ALA A 90 4.43 -11.25 27.70
C ALA A 90 5.21 -10.98 28.97
N ILE A 91 4.98 -9.83 29.58
CA ILE A 91 5.68 -9.47 30.77
C ILE A 91 5.28 -10.46 31.92
N ARG A 92 3.99 -10.81 31.96
CA ARG A 92 3.49 -11.81 32.88
C ARG A 92 4.25 -13.12 32.69
N GLN A 93 4.46 -13.51 31.43
CA GLN A 93 5.23 -14.74 31.11
C GLN A 93 6.67 -14.65 31.58
N LEU A 94 7.30 -13.49 31.40
CA LEU A 94 8.66 -13.31 31.90
C LEU A 94 8.71 -13.46 33.43
N GLY A 95 7.69 -12.96 34.11
CA GLY A 95 7.60 -13.16 35.58
C GLY A 95 7.49 -14.64 35.96
N GLU A 96 6.65 -15.35 35.26
CA GLU A 96 6.45 -16.77 35.46
C GLU A 96 7.78 -17.54 35.25
N ARG A 97 8.52 -17.20 34.19
CA ARG A 97 9.78 -17.88 33.91
C ARG A 97 10.82 -17.57 34.98
N GLN A 98 10.90 -16.32 35.36
CA GLN A 98 11.82 -15.90 36.34
C GLN A 98 11.54 -16.66 37.67
N ARG A 99 10.28 -16.83 38.05
N ARG A 99 10.28 -16.81 38.05
CA ARG A 99 9.93 -17.48 39.33
CA ARG A 99 9.97 -17.48 39.32
C ARG A 99 10.33 -18.95 39.36
C ARG A 99 10.51 -18.90 39.34
N ALA A 100 10.43 -19.56 38.19
CA ALA A 100 10.87 -20.92 38.05
C ALA A 100 12.38 -21.07 37.79
N GLY A 101 13.14 -19.99 37.90
CA GLY A 101 14.59 -20.00 37.73
C GLY A 101 15.13 -19.77 36.33
N HIS A 102 14.29 -19.42 35.36
CA HIS A 102 14.75 -19.22 33.99
C HIS A 102 15.03 -17.72 33.70
N LYS A 103 16.10 -17.42 32.99
CA LYS A 103 16.36 -16.04 32.60
C LYS A 103 15.84 -15.79 31.18
N THR A 104 14.53 -15.86 31.00
CA THR A 104 13.94 -15.82 29.67
C THR A 104 13.76 -14.38 29.17
N HIS A 105 14.03 -14.19 27.88
CA HIS A 105 13.75 -12.94 27.20
C HIS A 105 12.69 -13.16 26.14
N LEU A 106 11.90 -12.12 25.90
CA LEU A 106 10.82 -12.16 24.94
C LEU A 106 10.83 -10.96 24.03
N LEU A 107 10.66 -11.28 22.75
CA LEU A 107 10.54 -10.30 21.69
CA LEU A 107 10.55 -10.31 21.65
C LEU A 107 9.09 -10.22 21.28
N VAL A 108 8.55 -9.01 21.29
CA VAL A 108 7.16 -8.76 21.08
C VAL A 108 6.97 -7.68 20.02
N ARG A 109 5.90 -7.83 19.24
CA ARG A 109 5.55 -6.87 18.21
C ARG A 109 4.65 -5.83 18.70
N ILE A 110 4.99 -4.58 18.37
CA ILE A 110 4.05 -3.46 18.51
C ILE A 110 3.99 -2.62 17.22
N GLY A 111 2.82 -2.07 16.97
CA GLY A 111 2.59 -1.24 15.81
C GLY A 111 2.77 0.23 16.15
N PRO A 112 2.78 1.06 15.11
CA PRO A 112 3.15 2.46 15.27
C PRO A 112 2.15 3.28 16.06
N ASN A 113 0.87 2.95 16.06
CA ASN A 113 -0.03 3.63 16.94
C ASN A 113 0.22 3.36 18.44
N SER A 114 1.05 2.37 18.79
CA SER A 114 1.45 2.17 20.19
C SER A 114 2.47 3.23 20.60
N PHE A 115 3.16 3.85 19.64
CA PHE A 115 4.21 4.81 20.00
C PHE A 115 3.68 6.04 20.74
N SER A 116 2.48 6.46 20.42
CA SER A 116 1.86 7.58 21.10
C SER A 116 0.72 7.15 22.04
N ASP A 117 0.60 5.84 22.31
CA ASP A 117 -0.43 5.32 23.21
C ASP A 117 0.08 5.48 24.65
N PRO A 118 -0.49 6.43 25.40
CA PRO A 118 0.04 6.51 26.79
C PRO A 118 -0.14 5.20 27.63
N GLN A 119 -1.17 4.43 27.29
N GLN A 119 -1.15 4.41 27.29
CA GLN A 119 -1.40 3.14 27.94
CA GLN A 119 -1.38 3.13 27.96
C GLN A 119 -0.23 2.16 27.73
C GLN A 119 -0.29 2.09 27.68
N MET A 120 0.42 2.22 26.56
CA MET A 120 1.51 1.30 26.29
C MET A 120 2.67 1.53 27.27
N ILE A 121 3.15 2.77 27.37
CA ILE A 121 4.25 3.10 28.22
C ILE A 121 3.89 2.72 29.71
N ASP A 122 2.69 3.10 30.13
CA ASP A 122 2.18 2.79 31.48
C ASP A 122 2.12 1.26 31.75
N THR A 123 1.60 0.51 30.79
CA THR A 123 1.49 -0.92 30.88
C THR A 123 2.86 -1.53 31.09
N ILE A 124 3.85 -1.09 30.31
CA ILE A 124 5.20 -1.63 30.43
C ILE A 124 5.77 -1.33 31.83
N ARG A 125 5.68 -0.08 32.28
CA ARG A 125 6.22 0.29 33.61
C ARG A 125 5.51 -0.52 34.74
N GLU A 126 4.21 -0.48 34.74
CA GLU A 126 3.39 -1.04 35.80
C GLU A 126 3.54 -2.56 35.83
N GLN A 127 3.46 -3.19 34.66
CA GLN A 127 3.62 -4.65 34.62
C GLN A 127 4.99 -5.18 34.97
N LEU A 128 6.03 -4.47 34.56
CA LEU A 128 7.35 -4.92 34.88
C LEU A 128 7.52 -4.88 36.45
N ALA A 129 6.91 -3.85 37.06
CA ALA A 129 6.98 -3.70 38.52
C ALA A 129 6.10 -4.75 39.23
N VAL A 130 4.88 -5.02 38.80
CA VAL A 130 4.04 -6.06 39.35
C VAL A 130 4.82 -7.42 39.36
N TYR A 131 5.49 -7.75 38.25
CA TYR A 131 6.11 -9.06 38.16
C TYR A 131 7.56 -9.04 38.53
N GLY A 132 8.09 -7.88 38.93
CA GLY A 132 9.54 -7.81 39.25
C GLY A 132 10.47 -8.27 38.13
N VAL A 133 10.11 -7.97 36.88
CA VAL A 133 10.93 -8.35 35.71
C VAL A 133 11.87 -7.21 35.32
N PRO A 134 13.20 -7.47 35.18
CA PRO A 134 14.09 -6.45 34.64
C PRO A 134 13.72 -6.08 33.18
N GLY A 135 13.74 -4.81 32.87
CA GLY A 135 13.25 -4.35 31.59
C GLY A 135 14.05 -4.90 30.43
N GLU A 136 15.35 -5.15 30.63
CA GLU A 136 16.23 -5.73 29.63
CA GLU A 136 16.20 -5.71 29.58
C GLU A 136 15.71 -7.05 29.05
N ARG A 137 14.78 -7.72 29.76
CA ARG A 137 14.20 -8.96 29.28
C ARG A 137 13.12 -8.78 28.21
N LEU A 138 12.63 -7.57 28.03
CA LEU A 138 11.58 -7.34 27.10
C LEU A 138 12.18 -6.62 25.88
N TRP A 139 12.01 -7.22 24.71
CA TRP A 139 12.41 -6.63 23.42
C TRP A 139 11.17 -6.34 22.59
N LEU A 140 11.10 -5.15 22.01
CA LEU A 140 9.93 -4.67 21.31
C LEU A 140 10.31 -4.32 19.85
N GLN A 141 9.61 -4.90 18.90
CA GLN A 141 9.95 -4.71 17.49
C GLN A 141 8.79 -4.06 16.72
N THR A 142 9.13 -3.15 15.81
CA THR A 142 8.18 -2.51 14.92
C THR A 142 8.79 -2.45 13.48
N PRO A 143 7.93 -2.47 12.46
CA PRO A 143 8.49 -2.53 11.11
C PRO A 143 9.19 -1.18 10.79
N GLU A 144 10.36 -1.26 10.21
CA GLU A 144 11.06 -0.05 9.71
C GLU A 144 10.15 0.94 8.98
N SER A 145 9.35 0.47 8.04
CA SER A 145 8.50 1.33 7.23
C SER A 145 7.58 2.17 8.10
N LYS A 146 7.15 1.59 9.23
CA LYS A 146 6.20 2.28 10.08
CA LYS A 146 6.21 2.24 10.15
C LYS A 146 6.88 3.30 10.99
N VAL A 147 8.13 3.08 11.35
CA VAL A 147 8.89 4.04 12.15
C VAL A 147 9.11 5.33 11.33
N PHE A 148 9.50 5.15 10.06
CA PHE A 148 9.66 6.23 9.07
C PHE A 148 8.43 7.13 9.03
N THR A 149 7.25 6.53 9.04
CA THR A 149 6.05 7.31 8.80
C THR A 149 5.45 7.85 10.10
N HIS A 150 6.06 7.50 11.25
CA HIS A 150 5.61 7.99 12.56
C HIS A 150 6.82 8.41 13.41
N LEU A 151 7.76 9.12 12.79
CA LEU A 151 9.09 9.22 13.37
C LEU A 151 9.14 9.94 14.70
N ARG A 152 8.47 11.08 14.81
CA ARG A 152 8.57 11.83 16.03
C ARG A 152 7.94 11.08 17.22
N ASN A 153 6.83 10.42 17.01
CA ASN A 153 6.27 9.60 18.12
C ASN A 153 7.16 8.40 18.41
N ALA A 154 7.74 7.82 17.36
CA ALA A 154 8.70 6.73 17.53
C ALA A 154 9.87 7.16 18.36
N GLN A 155 10.42 8.36 18.10
CA GLN A 155 11.55 8.85 18.89
C GLN A 155 11.16 9.04 20.36
N GLN A 156 10.00 9.58 20.62
CA GLN A 156 9.58 9.77 22.01
C GLN A 156 9.34 8.42 22.74
N PHE A 157 8.77 7.46 22.05
CA PHE A 157 8.57 6.13 22.62
C PHE A 157 9.89 5.47 22.97
N LEU A 158 10.82 5.56 22.02
CA LEU A 158 12.13 4.98 22.17
C LEU A 158 12.84 5.54 23.39
N ALA A 159 12.80 6.85 23.59
CA ALA A 159 13.39 7.43 24.81
C ALA A 159 12.70 6.93 26.08
N ALA A 160 11.37 7.01 26.12
CA ALA A 160 10.62 6.58 27.33
C ALA A 160 10.90 5.09 27.67
N VAL A 161 10.89 4.21 26.68
CA VAL A 161 10.98 2.78 26.95
C VAL A 161 12.42 2.35 27.20
N SER A 162 13.37 2.98 26.49
CA SER A 162 14.79 2.72 26.71
C SER A 162 15.23 3.06 28.13
N ALA A 163 14.62 4.07 28.72
CA ALA A 163 14.88 4.42 30.11
C ALA A 163 14.41 3.32 31.13
N MET A 164 13.62 2.36 30.66
CA MET A 164 13.21 1.26 31.50
C MET A 164 14.08 0.05 31.23
N ASP A 165 15.11 0.22 30.38
CA ASP A 165 16.07 -0.83 29.96
C ASP A 165 15.55 -1.82 28.93
N CYS A 166 14.31 -1.66 28.46
CA CYS A 166 13.83 -2.49 27.36
C CYS A 166 14.60 -2.16 26.10
N LYS A 167 14.67 -3.12 25.18
CA LYS A 167 15.31 -2.97 23.87
C LYS A 167 14.23 -2.71 22.81
N VAL A 168 14.44 -1.69 21.99
CA VAL A 168 13.50 -1.35 20.93
C VAL A 168 14.27 -1.54 19.61
N GLY A 169 13.70 -2.31 18.71
CA GLY A 169 14.29 -2.59 17.42
C GLY A 169 13.34 -2.59 16.26
N LEU A 170 13.90 -2.81 15.07
CA LEU A 170 13.16 -2.76 13.84
C LEU A 170 13.09 -4.14 13.20
N GLU A 171 11.93 -4.46 12.66
CA GLU A 171 11.82 -5.63 11.77
C GLU A 171 11.58 -5.18 10.34
N GLN A 172 11.62 -6.11 9.39
CA GLN A 172 11.47 -5.82 7.97
CA GLN A 172 11.43 -5.80 7.98
C GLN A 172 12.37 -4.68 7.56
N PHE A 173 13.63 -4.83 7.95
CA PHE A 173 14.62 -3.80 7.82
C PHE A 173 15.50 -4.08 6.61
N GLY A 174 15.81 -3.00 5.90
CA GLY A 174 16.94 -3.05 4.98
C GLY A 174 16.66 -3.02 3.51
N SER A 175 15.40 -3.11 3.12
CA SER A 175 14.97 -3.14 1.71
C SER A 175 14.66 -1.71 1.37
N GLY A 176 15.52 -1.09 0.56
CA GLY A 176 15.65 0.36 0.50
C GLY A 176 17.09 0.69 0.16
N LEU A 177 17.34 1.91 -0.36
CA LEU A 177 18.65 2.26 -0.95
C LEU A 177 19.77 2.41 0.08
N ASP A 178 19.54 3.19 1.12
CA ASP A 178 20.47 3.21 2.27
C ASP A 178 19.52 3.19 3.45
N SER A 179 18.96 2.01 3.78
CA SER A 179 18.02 1.88 4.92
C SER A 179 18.70 2.33 6.20
N PHE A 180 20.03 2.14 6.25
CA PHE A 180 20.82 2.66 7.39
C PHE A 180 20.66 4.15 7.56
N GLN A 181 20.07 4.85 6.59
CA GLN A 181 19.82 6.32 6.77
C GLN A 181 18.70 6.66 7.71
N LEU A 182 17.69 5.80 7.91
CA LEU A 182 16.77 6.09 9.02
C LEU A 182 17.52 6.18 10.32
N LEU A 183 18.56 5.35 10.50
CA LEU A 183 19.17 5.18 11.82
C LEU A 183 19.90 6.41 12.33
N ALA A 184 20.26 7.31 11.42
CA ALA A 184 20.70 8.62 11.81
C ALA A 184 19.68 9.34 12.69
N HIS A 185 18.41 8.94 12.63
CA HIS A 185 17.31 9.59 13.39
C HIS A 185 16.62 8.71 14.44
N PHE A 186 17.02 7.43 14.52
CA PHE A 186 16.36 6.45 15.38
C PHE A 186 17.35 5.35 15.65
N HIS A 187 17.94 5.34 16.86
CA HIS A 187 18.98 4.38 17.19
CA HIS A 187 18.99 4.43 17.24
C HIS A 187 18.37 3.15 17.88
N PRO A 188 18.22 2.05 17.12
CA PRO A 188 17.60 0.83 17.68
C PRO A 188 18.61 -0.07 18.39
N ALA A 189 18.12 -0.98 19.23
CA ALA A 189 18.96 -1.96 19.88
C ALA A 189 19.22 -3.11 18.91
N PHE A 190 18.33 -3.33 17.94
CA PHE A 190 18.47 -4.45 17.04
C PHE A 190 17.72 -4.22 15.73
N LEU A 191 18.19 -4.91 14.71
CA LEU A 191 17.60 -4.87 13.37
C LEU A 191 17.32 -6.31 12.92
N LYS A 192 16.10 -6.55 12.51
CA LYS A 192 15.76 -7.80 11.90
C LYS A 192 15.51 -7.57 10.41
N LEU A 193 16.31 -8.27 9.63
CA LEU A 193 16.40 -8.06 8.18
C LEU A 193 15.14 -8.51 7.49
N ASP A 194 14.75 -7.76 6.47
CA ASP A 194 13.58 -8.12 5.70
C ASP A 194 13.82 -9.42 4.97
N ARG A 195 12.78 -10.24 4.96
CA ARG A 195 12.83 -11.53 4.27
C ARG A 195 13.11 -11.37 2.76
N GLY A 196 12.73 -10.26 2.14
CA GLY A 196 13.13 -9.95 0.75
C GLY A 196 14.63 -9.99 0.51
N ILE A 197 15.43 -9.70 1.54
CA ILE A 197 16.90 -9.71 1.48
CA ILE A 197 16.87 -9.73 1.39
C ILE A 197 17.42 -11.08 1.81
N THR A 198 16.81 -11.72 2.81
CA THR A 198 17.42 -12.95 3.35
C THR A 198 16.97 -14.27 2.69
N GLY A 199 15.82 -14.26 2.04
CA GLY A 199 15.21 -15.47 1.47
C GLY A 199 16.10 -16.15 0.45
N ASP A 200 16.71 -15.36 -0.44
CA ASP A 200 17.56 -15.91 -1.51
C ASP A 200 19.06 -15.74 -1.25
N ILE A 201 19.45 -15.43 -0.01
CA ILE A 201 20.84 -15.14 0.36
C ILE A 201 21.83 -16.19 -0.11
N ALA A 202 21.44 -17.47 -0.04
CA ALA A 202 22.33 -18.54 -0.49
C ALA A 202 22.66 -18.40 -1.99
N SER A 203 21.74 -17.85 -2.78
CA SER A 203 21.87 -17.81 -4.25
C SER A 203 22.09 -16.42 -4.91
N ALA A 204 21.67 -15.33 -4.25
CA ALA A 204 21.78 -13.98 -4.84
C ALA A 204 22.90 -13.18 -4.16
N ARG A 205 23.95 -12.85 -4.93
CA ARG A 205 25.06 -12.01 -4.46
C ARG A 205 24.61 -10.56 -4.21
N ASP A 206 23.59 -10.14 -4.94
N ASP A 206 23.56 -10.16 -4.91
CA ASP A 206 22.83 -8.94 -4.66
CA ASP A 206 22.88 -8.91 -4.65
C ASP A 206 22.40 -8.85 -3.17
C ASP A 206 22.36 -8.83 -3.17
N SER A 207 21.90 -9.96 -2.64
CA SER A 207 21.44 -10.05 -1.24
C SER A 207 22.62 -10.19 -0.28
N GLN A 208 23.57 -11.03 -0.66
CA GLN A 208 24.79 -11.27 0.12
C GLN A 208 25.60 -9.97 0.42
N GLU A 209 25.55 -9.02 -0.53
CA GLU A 209 26.27 -7.75 -0.45
C GLU A 209 25.47 -6.85 0.47
N LYS A 210 24.16 -6.85 0.31
CA LYS A 210 23.31 -5.99 1.11
C LYS A 210 23.45 -6.40 2.60
N ILE A 211 23.58 -7.69 2.87
CA ILE A 211 23.62 -8.18 4.26
C ILE A 211 24.93 -7.83 4.90
N ARG A 212 26.05 -7.99 4.17
CA ARG A 212 27.35 -7.58 4.69
CA ARG A 212 27.34 -7.60 4.74
C ARG A 212 27.42 -6.06 4.86
N GLU A 213 26.74 -5.34 3.98
CA GLU A 213 26.64 -3.86 4.08
C GLU A 213 25.98 -3.51 5.41
N ILE A 214 24.88 -4.20 5.72
CA ILE A 214 24.16 -3.96 7.00
C ILE A 214 24.94 -4.36 8.22
N THR A 215 25.57 -5.55 8.23
CA THR A 215 26.24 -6.00 9.42
C THR A 215 27.55 -5.19 9.66
N SER A 216 28.28 -4.80 8.61
CA SER A 216 29.46 -3.93 8.82
CA SER A 216 29.43 -3.86 8.72
C SER A 216 29.10 -2.54 9.40
N ARG A 217 27.87 -2.09 9.24
CA ARG A 217 27.46 -0.81 9.82
C ARG A 217 26.88 -0.99 11.22
N ALA A 218 26.19 -2.12 11.45
CA ALA A 218 25.58 -2.45 12.74
C ALA A 218 26.59 -2.73 13.81
N GLN A 219 27.56 -3.57 13.51
CA GLN A 219 28.52 -4.00 14.52
C GLN A 219 29.27 -2.85 15.21
N PRO A 220 29.86 -1.92 14.43
CA PRO A 220 30.56 -0.82 15.08
C PRO A 220 29.67 0.07 15.90
N ALA A 221 28.37 0.08 15.61
CA ALA A 221 27.43 0.82 16.45
C ALA A 221 26.87 -0.03 17.60
N GLY A 222 27.26 -1.31 17.72
CA GLY A 222 26.70 -2.15 18.77
C GLY A 222 25.22 -2.47 18.58
N ILE A 223 24.73 -2.44 17.34
CA ILE A 223 23.37 -2.83 17.01
C ILE A 223 23.37 -4.32 16.62
N LEU A 224 22.47 -5.11 17.24
CA LEU A 224 22.35 -6.54 16.92
C LEU A 224 21.61 -6.70 15.62
N THR A 225 22.02 -7.67 14.85
CA THR A 225 21.30 -8.03 13.66
C THR A 225 20.74 -9.45 13.75
N MET A 226 19.62 -9.64 13.08
CA MET A 226 18.83 -10.85 13.13
C MET A 226 18.22 -11.20 11.77
N ALA A 227 18.15 -12.50 11.50
CA ALA A 227 17.47 -13.04 10.33
C ALA A 227 16.33 -13.95 10.75
N GLU A 228 15.23 -13.91 10.00
CA GLU A 228 14.08 -14.81 10.25
C GLU A 228 13.70 -15.59 9.01
N PHE A 229 12.72 -16.49 9.16
CA PHE A 229 12.38 -17.50 8.13
C PHE A 229 13.60 -18.27 7.66
N VAL A 230 14.54 -18.52 8.55
CA VAL A 230 15.70 -19.29 8.21
C VAL A 230 15.27 -20.78 8.16
N ALA A 231 15.30 -21.36 6.96
CA ALA A 231 14.69 -22.68 6.68
C ALA A 231 15.73 -23.73 6.22
N ASP A 232 17.00 -23.34 6.02
CA ASP A 232 18.00 -24.31 5.51
C ASP A 232 19.41 -23.95 5.97
N ALA A 233 20.31 -24.93 5.86
CA ALA A 233 21.65 -24.82 6.40
C ALA A 233 22.56 -23.90 5.60
N GLN A 234 22.36 -23.78 4.30
CA GLN A 234 23.21 -22.89 3.52
C GLN A 234 22.90 -21.42 3.91
N SER A 235 21.64 -21.14 4.25
CA SER A 235 21.29 -19.82 4.80
C SER A 235 21.96 -19.57 6.12
N MET A 236 21.92 -20.53 7.05
CA MET A 236 22.63 -20.40 8.30
C MET A 236 24.14 -20.09 8.03
N SER A 237 24.71 -20.78 7.06
CA SER A 237 26.13 -20.64 6.81
C SER A 237 26.41 -19.25 6.34
N SER A 238 25.62 -18.76 5.39
CA SER A 238 25.82 -17.40 4.87
C SER A 238 25.63 -16.32 5.95
N PHE A 239 24.65 -16.50 6.84
CA PHE A 239 24.40 -15.52 7.91
C PHE A 239 25.54 -15.54 8.89
N PHE A 240 26.07 -16.73 9.13
CA PHE A 240 27.13 -16.84 10.06
C PHE A 240 28.39 -16.08 9.57
N SER A 241 28.74 -16.27 8.30
CA SER A 241 29.88 -15.62 7.68
C SER A 241 29.65 -14.13 7.55
N ALA A 242 28.43 -13.74 7.30
CA ALA A 242 28.13 -12.31 7.24
C ALA A 242 28.11 -11.61 8.61
N GLY A 243 28.24 -12.36 9.69
CA GLY A 243 28.26 -11.82 11.05
C GLY A 243 26.89 -11.50 11.69
N VAL A 244 25.82 -12.07 11.17
CA VAL A 244 24.49 -11.91 11.75
C VAL A 244 24.46 -12.54 13.14
N ASP A 245 23.88 -11.81 14.11
CA ASP A 245 23.90 -12.27 15.47
C ASP A 245 22.86 -13.37 15.77
N TYR A 246 21.63 -13.21 15.30
CA TYR A 246 20.50 -14.15 15.65
C TYR A 246 19.83 -14.69 14.43
N VAL A 247 19.33 -15.93 14.56
CA VAL A 247 18.49 -16.53 13.53
C VAL A 247 17.26 -17.16 14.13
N GLN A 248 16.17 -17.13 13.42
CA GLN A 248 15.01 -17.87 13.79
C GLN A 248 14.34 -18.38 12.56
N GLY A 249 13.62 -19.49 12.74
CA GLY A 249 12.79 -20.03 11.67
C GLY A 249 12.71 -21.55 11.83
N ASP A 250 12.09 -22.21 10.87
CA ASP A 250 11.90 -23.70 10.96
C ASP A 250 13.18 -24.53 11.03
N PHE A 251 14.30 -24.02 10.50
CA PHE A 251 15.57 -24.73 10.72
C PHE A 251 15.94 -24.76 12.14
N VAL A 252 15.57 -23.75 12.92
CA VAL A 252 15.97 -23.75 14.33
C VAL A 252 14.91 -24.48 15.16
N ALA A 253 13.65 -24.05 15.01
CA ALA A 253 12.54 -24.54 15.85
C ALA A 253 11.23 -23.92 15.42
N PRO A 254 10.12 -24.66 15.54
CA PRO A 254 8.82 -24.09 15.22
C PRO A 254 8.31 -23.22 16.36
N THR A 255 7.26 -22.50 16.09
CA THR A 255 6.48 -21.80 17.08
CA THR A 255 6.49 -21.80 17.11
C THR A 255 5.66 -22.84 17.85
N GLY A 256 5.53 -22.68 19.15
CA GLY A 256 4.66 -23.54 19.94
C GLY A 256 4.31 -22.97 21.30
N PRO A 257 3.42 -23.69 22.05
CA PRO A 257 2.91 -23.17 23.32
C PRO A 257 3.94 -23.17 24.42
N LEU A 258 4.95 -23.99 24.31
CA LEU A 258 5.85 -24.14 25.42
C LEU A 258 7.23 -23.55 25.16
N MET A 259 7.85 -23.09 26.24
CA MET A 259 9.23 -22.68 26.23
C MET A 259 10.15 -23.82 26.67
N ASN A 260 10.29 -24.79 25.80
CA ASN A 260 11.09 -25.98 26.11
C ASN A 260 12.33 -26.13 25.22
N TYR A 261 12.72 -25.08 24.51
CA TYR A 261 13.89 -25.12 23.64
C TYR A 261 15.20 -25.11 24.48
N GLU A 262 16.09 -26.06 24.21
CA GLU A 262 17.39 -26.12 24.92
C GLU A 262 18.35 -25.25 24.16
N PHE A 263 18.73 -24.13 24.75
CA PHE A 263 19.61 -23.18 24.05
C PHE A 263 21.09 -23.64 24.02
N GLY A 264 21.67 -23.68 22.82
CA GLY A 264 22.98 -24.32 22.58
C GLY A 264 24.02 -23.47 21.87
N TYR B 4 -29.16 -14.06 -16.58
CA TYR B 4 -28.50 -12.86 -16.02
C TYR B 4 -29.45 -12.13 -15.08
N ASP B 5 -29.08 -12.01 -13.80
CA ASP B 5 -29.85 -11.21 -12.84
C ASP B 5 -29.15 -9.91 -12.40
N PRO B 6 -29.77 -8.74 -12.69
CA PRO B 6 -29.22 -7.44 -12.31
C PRO B 6 -28.94 -7.26 -10.80
N ALA B 7 -29.85 -7.75 -9.96
CA ALA B 7 -29.69 -7.68 -8.52
C ALA B 7 -28.43 -8.44 -8.10
N ALA B 8 -28.24 -9.61 -8.69
CA ALA B 8 -27.04 -10.41 -8.42
C ALA B 8 -25.78 -9.65 -8.89
N ALA B 9 -25.89 -9.02 -10.07
CA ALA B 9 -24.85 -8.16 -10.62
C ALA B 9 -24.47 -7.03 -9.66
N ASP B 10 -25.47 -6.42 -9.02
CA ASP B 10 -25.24 -5.39 -8.02
C ASP B 10 -24.51 -5.94 -6.79
N ARG B 11 -24.95 -7.08 -6.29
CA ARG B 11 -24.28 -7.70 -5.14
C ARG B 11 -22.85 -8.11 -5.48
N ALA B 12 -22.62 -8.57 -6.71
CA ALA B 12 -21.27 -8.94 -7.15
C ALA B 12 -20.36 -7.71 -7.18
N GLU B 13 -20.95 -6.59 -7.62
CA GLU B 13 -20.27 -5.31 -7.77
C GLU B 13 -19.82 -4.73 -6.44
N GLU B 14 -20.67 -4.75 -5.42
CA GLU B 14 -20.28 -4.27 -4.10
C GLU B 14 -19.10 -5.10 -3.57
N GLU B 15 -19.11 -6.40 -3.84
CA GLU B 15 -18.00 -7.25 -3.45
C GLU B 15 -16.72 -6.82 -4.15
N ARG B 16 -16.81 -6.54 -5.44
CA ARG B 16 -15.65 -6.10 -6.23
C ARG B 16 -15.13 -4.74 -5.72
N ILE B 17 -16.03 -3.80 -5.41
CA ILE B 17 -15.66 -2.53 -4.81
C ILE B 17 -14.90 -2.74 -3.49
N GLU B 18 -15.41 -3.65 -2.65
CA GLU B 18 -14.73 -3.98 -1.39
C GLU B 18 -13.33 -4.53 -1.63
N ARG B 19 -13.15 -5.34 -2.66
CA ARG B 19 -11.85 -5.91 -2.92
C ARG B 19 -10.88 -4.77 -3.29
N TRP B 20 -11.38 -3.86 -4.13
CA TRP B 20 -10.68 -2.65 -4.52
C TRP B 20 -10.23 -1.77 -3.36
N VAL B 21 -11.15 -1.44 -2.47
CA VAL B 21 -10.82 -0.59 -1.31
C VAL B 21 -9.74 -1.27 -0.45
N GLU B 22 -9.90 -2.57 -0.24
CA GLU B 22 -8.92 -3.42 0.39
C GLU B 22 -7.54 -3.35 -0.29
N GLN B 23 -7.53 -3.42 -1.60
CA GLN B 23 -6.27 -3.33 -2.31
C GLN B 23 -5.60 -1.91 -2.09
N LEU B 24 -6.45 -0.90 -2.05
CA LEU B 24 -5.98 0.45 -1.91
C LEU B 24 -5.41 0.66 -0.48
N ARG B 25 -6.09 0.18 0.54
CA ARG B 25 -5.56 0.24 1.92
C ARG B 25 -4.27 -0.50 2.06
N GLU B 26 -4.15 -1.65 1.42
CA GLU B 26 -2.91 -2.38 1.46
C GLU B 26 -1.78 -1.54 0.81
N ALA B 27 -2.08 -0.93 -0.34
CA ALA B 27 -1.08 -0.11 -1.04
C ALA B 27 -0.57 1.02 -0.15
N LEU B 28 -1.47 1.64 0.60
CA LEU B 28 -1.13 2.70 1.49
C LEU B 28 -0.13 2.34 2.61
N VAL B 29 0.01 1.07 2.98
CA VAL B 29 0.92 0.69 4.06
CA VAL B 29 0.90 0.66 4.08
C VAL B 29 1.93 -0.35 3.63
N GLY B 30 1.70 -0.97 2.48
CA GLY B 30 2.60 -1.97 1.99
C GLY B 30 2.95 -1.67 0.56
N ASP B 31 2.86 -2.69 -0.28
CA ASP B 31 3.21 -2.62 -1.67
C ASP B 31 1.98 -2.36 -2.53
N GLY B 32 2.23 -1.86 -3.74
CA GLY B 32 1.15 -1.53 -4.71
C GLY B 32 1.40 -0.24 -5.49
N PHE B 33 1.69 0.83 -4.77
CA PHE B 33 1.78 2.15 -5.37
C PHE B 33 3.21 2.41 -5.83
N LEU B 34 3.34 3.25 -6.85
CA LEU B 34 4.64 3.67 -7.32
C LEU B 34 4.46 4.96 -8.12
N LEU B 35 5.57 5.56 -8.49
CA LEU B 35 5.52 6.84 -9.17
C LEU B 35 6.20 6.70 -10.53
N HIS B 36 5.57 7.27 -11.51
CA HIS B 36 6.21 7.54 -12.77
C HIS B 36 6.46 9.04 -12.87
N TYR B 37 7.33 9.41 -13.80
CA TYR B 37 7.87 10.76 -13.80
C TYR B 37 7.84 11.35 -15.19
N GLN B 38 7.45 12.61 -15.27
CA GLN B 38 7.46 13.39 -16.54
C GLN B 38 8.39 14.59 -16.48
N PRO B 39 9.40 14.66 -17.39
CA PRO B 39 10.29 15.79 -17.48
C PRO B 39 9.56 17.07 -17.73
N VAL B 40 9.96 18.13 -17.04
CA VAL B 40 9.36 19.44 -17.14
C VAL B 40 10.54 20.32 -17.51
N LEU B 41 10.49 20.85 -18.73
CA LEU B 41 11.65 21.50 -19.33
C LEU B 41 11.57 23.05 -19.33
N ASN B 42 12.65 23.67 -18.91
CA ASN B 42 12.74 25.13 -18.88
C ASN B 42 12.98 25.63 -20.30
N LEU B 43 12.13 26.53 -20.76
CA LEU B 43 12.18 27.06 -22.10
C LEU B 43 13.11 28.28 -22.21
N GLN B 44 13.51 28.85 -21.07
CA GLN B 44 14.04 30.20 -21.06
C GLN B 44 15.51 30.26 -20.67
N GLY B 45 16.23 29.16 -20.82
CA GLY B 45 17.69 29.16 -20.69
C GLY B 45 18.27 28.96 -19.29
N GLU B 46 17.48 28.42 -18.36
CA GLU B 46 17.93 28.17 -16.98
C GLU B 46 17.59 26.70 -16.68
N PRO B 47 18.51 25.77 -16.97
CA PRO B 47 18.15 24.36 -16.92
C PRO B 47 18.01 23.87 -15.48
N LEU B 48 17.17 22.87 -15.28
CA LEU B 48 16.83 22.44 -13.94
C LEU B 48 16.28 21.04 -14.11
N GLU B 49 16.77 20.10 -13.30
CA GLU B 49 16.33 18.70 -13.40
C GLU B 49 15.01 18.59 -12.63
N LEU B 50 13.91 18.77 -13.35
CA LEU B 50 12.58 18.77 -12.77
C LEU B 50 11.68 17.75 -13.43
N TYR B 51 10.98 16.98 -12.61
CA TYR B 51 9.96 16.05 -13.11
C TYR B 51 8.65 16.24 -12.41
N GLN B 52 7.56 15.89 -13.05
CA GLN B 52 6.29 15.77 -12.34
C GLN B 52 6.00 14.30 -12.07
N ALA B 53 5.54 14.03 -10.84
CA ALA B 53 5.20 12.71 -10.37
C ALA B 53 3.77 12.35 -10.73
N PHE B 54 3.57 11.15 -11.19
CA PHE B 54 2.24 10.58 -11.43
C PHE B 54 2.12 9.23 -10.73
N LEU B 55 1.03 9.07 -9.99
CA LEU B 55 0.72 7.83 -9.28
C LEU B 55 0.31 6.70 -10.22
N ARG B 56 0.83 5.50 -9.94
CA ARG B 56 0.45 4.25 -10.57
C ARG B 56 0.19 3.16 -9.47
N LEU B 57 -0.62 2.18 -9.83
CA LEU B 57 -0.85 1.01 -8.99
C LEU B 57 -0.43 -0.18 -9.77
N GLU B 58 0.35 -1.05 -9.12
CA GLU B 58 0.82 -2.27 -9.72
C GLU B 58 0.39 -3.46 -8.83
N ARG B 59 0.04 -4.57 -9.49
CA ARG B 59 -0.49 -5.79 -8.87
C ARG B 59 -0.10 -6.90 -9.79
N ASN B 60 0.75 -7.84 -9.38
CA ASN B 60 0.87 -9.09 -10.12
C ASN B 60 1.17 -8.89 -11.59
N GLY B 61 2.08 -7.96 -11.89
CA GLY B 61 2.43 -7.62 -13.27
C GLY B 61 1.47 -6.65 -13.98
N GLU B 62 0.29 -6.44 -13.38
CA GLU B 62 -0.70 -5.49 -13.90
C GLU B 62 -0.34 -4.07 -13.50
N MET B 63 -0.69 -3.12 -14.36
CA MET B 63 -0.43 -1.70 -14.13
C MET B 63 -1.73 -0.95 -14.35
N MET B 64 -2.03 -0.03 -13.42
CA MET B 64 -3.19 0.82 -13.48
C MET B 64 -2.93 2.29 -13.29
N SER B 65 -3.64 3.08 -14.08
CA SER B 65 -3.71 4.53 -13.99
C SER B 65 -4.67 4.93 -12.87
N PRO B 66 -4.44 6.09 -12.25
CA PRO B 66 -5.42 6.55 -11.29
C PRO B 66 -6.86 6.70 -11.82
N ASN B 67 -7.06 6.83 -13.13
CA ASN B 67 -8.42 6.89 -13.69
C ASN B 67 -9.18 5.54 -13.51
N ALA B 68 -8.49 4.42 -13.33
CA ALA B 68 -9.13 3.14 -12.95
C ALA B 68 -9.69 3.10 -11.49
N PHE B 69 -9.11 3.87 -10.59
CA PHE B 69 -9.46 3.73 -9.16
C PHE B 69 -9.81 5.00 -8.36
N MET B 70 -9.62 6.21 -8.89
CA MET B 70 -9.81 7.39 -8.04
C MET B 70 -11.26 7.71 -7.71
N ALA B 71 -12.20 7.25 -8.52
CA ALA B 71 -13.62 7.35 -8.17
C ALA B 71 -13.92 6.52 -6.91
N ILE B 72 -13.41 5.29 -6.85
CA ILE B 72 -13.57 4.48 -5.65
C ILE B 72 -12.87 5.14 -4.46
N ALA B 73 -11.65 5.65 -4.68
CA ALA B 73 -10.89 6.32 -3.61
C ALA B 73 -11.62 7.58 -3.09
N GLU B 74 -12.12 8.40 -3.99
N GLU B 74 -12.10 8.42 -4.00
CA GLU B 74 -12.88 9.60 -3.61
CA GLU B 74 -12.93 9.58 -3.66
C GLU B 74 -14.11 9.20 -2.78
C GLU B 74 -14.05 9.13 -2.73
N GLU B 75 -14.82 8.17 -3.23
CA GLU B 75 -16.03 7.69 -2.57
C GLU B 75 -15.76 7.17 -1.17
N HIS B 76 -14.59 6.61 -0.93
CA HIS B 76 -14.27 6.06 0.38
C HIS B 76 -13.28 6.94 1.17
N ASP B 77 -13.19 8.22 0.83
CA ASP B 77 -12.35 9.17 1.56
CA ASP B 77 -12.36 9.15 1.60
C ASP B 77 -10.92 8.66 1.77
N LEU B 78 -10.32 8.20 0.68
CA LEU B 78 -8.96 7.74 0.70
C LEU B 78 -8.00 8.77 0.07
N VAL B 79 -8.54 9.79 -0.57
CA VAL B 79 -7.74 10.75 -1.35
C VAL B 79 -6.71 11.48 -0.47
N THR B 80 -7.15 11.90 0.71
N THR B 80 -7.13 11.91 0.72
CA THR B 80 -6.30 12.62 1.65
CA THR B 80 -6.26 12.61 1.67
C THR B 80 -5.05 11.82 2.01
C THR B 80 -5.03 11.80 1.97
N GLU B 81 -5.22 10.52 2.28
CA GLU B 81 -4.11 9.64 2.58
C GLU B 81 -3.27 9.22 1.35
N ILE B 82 -3.89 9.14 0.18
CA ILE B 82 -3.14 8.87 -1.06
C ILE B 82 -2.19 10.04 -1.34
N ASP B 83 -2.66 11.26 -1.22
CA ASP B 83 -1.80 12.39 -1.49
C ASP B 83 -0.61 12.46 -0.51
N ARG B 84 -0.82 12.11 0.77
CA ARG B 84 0.28 11.96 1.72
C ARG B 84 1.25 10.86 1.34
N TRP B 85 0.72 9.76 0.83
CA TRP B 85 1.56 8.69 0.38
C TRP B 85 2.49 9.22 -0.76
N VAL B 86 1.89 9.97 -1.67
CA VAL B 86 2.59 10.45 -2.88
C VAL B 86 3.68 11.43 -2.47
N VAL B 87 3.32 12.39 -1.62
CA VAL B 87 4.28 13.34 -1.07
C VAL B 87 5.44 12.63 -0.39
N ALA B 88 5.16 11.62 0.46
CA ALA B 88 6.24 10.89 1.15
C ALA B 88 7.09 10.16 0.19
N ARG B 89 6.45 9.48 -0.76
CA ARG B 89 7.23 8.72 -1.69
C ARG B 89 8.12 9.63 -2.56
N ALA B 90 7.59 10.77 -2.92
CA ALA B 90 8.34 11.78 -3.72
C ALA B 90 9.57 12.28 -2.97
N ILE B 91 9.39 12.61 -1.70
CA ILE B 91 10.55 13.03 -0.86
C ILE B 91 11.62 11.95 -0.78
N ARG B 92 11.18 10.69 -0.65
CA ARG B 92 12.11 9.59 -0.70
C ARG B 92 12.88 9.52 -1.99
N GLN B 93 12.19 9.63 -3.12
CA GLN B 93 12.86 9.65 -4.41
C GLN B 93 13.85 10.83 -4.48
N LEU B 94 13.48 12.00 -3.98
CA LEU B 94 14.40 13.15 -3.99
C LEU B 94 15.68 12.80 -3.20
N GLY B 95 15.47 12.18 -2.05
CA GLY B 95 16.55 11.77 -1.15
C GLY B 95 17.43 10.76 -1.80
N GLU B 96 16.86 9.77 -2.47
CA GLU B 96 17.66 8.74 -3.16
C GLU B 96 18.40 9.31 -4.37
N ARG B 97 17.78 10.23 -5.09
CA ARG B 97 18.49 10.88 -6.22
C ARG B 97 19.67 11.73 -5.69
N GLN B 98 19.43 12.47 -4.63
CA GLN B 98 20.47 13.25 -3.93
C GLN B 98 21.67 12.40 -3.53
N ARG B 99 21.43 11.26 -2.88
N ARG B 99 21.42 11.27 -2.88
CA ARG B 99 22.55 10.36 -2.53
CA ARG B 99 22.48 10.28 -2.56
C ARG B 99 23.36 9.83 -3.73
C ARG B 99 23.35 9.89 -3.74
N ALA B 100 22.75 9.75 -4.91
CA ALA B 100 23.49 9.30 -6.09
C ALA B 100 24.10 10.43 -6.91
N GLY B 101 24.05 11.66 -6.41
CA GLY B 101 24.68 12.78 -7.09
C GLY B 101 23.77 13.57 -8.01
N HIS B 102 22.45 13.38 -7.91
CA HIS B 102 21.53 14.12 -8.80
C HIS B 102 20.82 15.22 -8.04
N LYS B 103 20.71 16.41 -8.61
CA LYS B 103 19.95 17.52 -7.98
C LYS B 103 18.54 17.55 -8.53
N THR B 104 17.71 16.57 -8.17
CA THR B 104 16.40 16.38 -8.74
C THR B 104 15.34 17.17 -7.99
N HIS B 105 14.41 17.73 -8.73
CA HIS B 105 13.27 18.42 -8.17
C HIS B 105 12.03 17.72 -8.63
N LEU B 106 11.00 17.74 -7.81
CA LEU B 106 9.74 17.07 -8.12
C LEU B 106 8.51 17.91 -7.84
N LEU B 107 7.62 17.89 -8.83
CA LEU B 107 6.32 18.52 -8.77
C LEU B 107 5.28 17.43 -8.44
N VAL B 108 4.51 17.67 -7.40
CA VAL B 108 3.60 16.67 -6.85
C VAL B 108 2.28 17.36 -6.64
N ARG B 109 1.21 16.64 -6.90
CA ARG B 109 -0.14 17.15 -6.70
C ARG B 109 -0.64 16.91 -5.29
N ILE B 110 -1.33 17.91 -4.74
CA ILE B 110 -2.08 17.75 -3.50
C ILE B 110 -3.48 18.36 -3.71
N GLY B 111 -4.52 17.75 -3.15
CA GLY B 111 -5.88 18.32 -3.24
C GLY B 111 -6.24 19.18 -2.02
N PRO B 112 -7.39 19.86 -2.07
CA PRO B 112 -7.81 20.81 -1.03
C PRO B 112 -7.96 20.23 0.38
N ASN B 113 -8.31 18.95 0.48
CA ASN B 113 -8.34 18.29 1.77
C ASN B 113 -6.97 18.22 2.43
N SER B 114 -5.90 18.39 1.66
CA SER B 114 -4.57 18.41 2.26
C SER B 114 -4.25 19.76 2.89
N PHE B 115 -5.00 20.81 2.56
CA PHE B 115 -4.72 22.15 3.07
C PHE B 115 -4.96 22.26 4.55
N SER B 116 -5.85 21.41 5.08
CA SER B 116 -6.23 21.42 6.49
C SER B 116 -5.79 20.13 7.22
N ASP B 117 -4.91 19.37 6.58
CA ASP B 117 -4.48 18.08 7.10
C ASP B 117 -3.16 18.25 7.87
N PRO B 118 -3.24 18.36 9.21
CA PRO B 118 -1.95 18.54 9.91
C PRO B 118 -0.94 17.39 9.68
N GLN B 119 -1.43 16.20 9.32
CA GLN B 119 -0.51 15.11 9.02
C GLN B 119 0.27 15.36 7.71
N MET B 120 -0.23 16.22 6.84
CA MET B 120 0.49 16.52 5.59
C MET B 120 1.69 17.39 5.90
N ILE B 121 1.49 18.39 6.76
CA ILE B 121 2.63 19.24 7.20
C ILE B 121 3.67 18.42 7.94
N ASP B 122 3.21 17.55 8.84
CA ASP B 122 4.13 16.75 9.62
C ASP B 122 4.88 15.76 8.74
N THR B 123 4.16 15.16 7.77
CA THR B 123 4.78 14.30 6.77
C THR B 123 5.86 15.03 5.96
N ILE B 124 5.59 16.23 5.48
CA ILE B 124 6.64 16.94 4.71
C ILE B 124 7.86 17.21 5.61
N ARG B 125 7.61 17.79 6.79
CA ARG B 125 8.70 18.20 7.68
CA ARG B 125 8.67 18.19 7.72
C ARG B 125 9.54 16.99 8.03
N GLU B 126 8.89 15.88 8.38
CA GLU B 126 9.58 14.67 8.82
C GLU B 126 10.36 13.96 7.71
N GLN B 127 9.72 13.79 6.55
CA GLN B 127 10.39 13.16 5.44
C GLN B 127 11.54 14.01 4.91
N LEU B 128 11.36 15.32 4.85
CA LEU B 128 12.49 16.14 4.39
C LEU B 128 13.70 15.95 5.32
N ALA B 129 13.43 15.90 6.62
CA ALA B 129 14.47 15.75 7.62
C ALA B 129 15.13 14.40 7.50
N VAL B 130 14.34 13.33 7.40
CA VAL B 130 14.95 12.01 7.47
C VAL B 130 15.77 11.75 6.26
N TYR B 131 15.35 12.25 5.10
CA TYR B 131 16.16 12.06 3.90
C TYR B 131 17.15 13.21 3.65
N GLY B 132 17.10 14.28 4.43
CA GLY B 132 18.07 15.39 4.24
C GLY B 132 17.86 16.17 2.92
N VAL B 133 16.62 16.35 2.54
CA VAL B 133 16.30 16.99 1.27
C VAL B 133 15.95 18.46 1.50
N PRO B 134 16.64 19.40 0.79
CA PRO B 134 16.22 20.81 0.86
C PRO B 134 14.80 20.98 0.40
N GLY B 135 14.03 21.78 1.11
CA GLY B 135 12.61 21.95 0.80
C GLY B 135 12.35 22.51 -0.62
N GLU B 136 13.29 23.28 -1.17
CA GLU B 136 13.16 23.88 -2.49
CA GLU B 136 13.09 23.87 -2.50
C GLU B 136 13.05 22.85 -3.63
N ARG B 137 13.43 21.61 -3.35
CA ARG B 137 13.36 20.58 -4.36
C ARG B 137 11.97 19.97 -4.50
N LEU B 138 11.08 20.28 -3.58
CA LEU B 138 9.69 19.83 -3.63
C LEU B 138 8.76 20.98 -4.02
N TRP B 139 8.04 20.79 -5.13
CA TRP B 139 7.06 21.75 -5.60
C TRP B 139 5.73 21.08 -5.47
N LEU B 140 4.77 21.79 -4.92
CA LEU B 140 3.45 21.18 -4.71
C LEU B 140 2.45 22.00 -5.46
N GLN B 141 1.59 21.31 -6.21
CA GLN B 141 0.65 21.97 -7.09
C GLN B 141 -0.76 21.57 -6.75
N THR B 142 -1.66 22.53 -6.86
CA THR B 142 -3.05 22.33 -6.55
C THR B 142 -3.95 23.18 -7.47
N PRO B 143 -5.12 22.67 -7.85
CA PRO B 143 -5.85 23.40 -8.87
C PRO B 143 -6.33 24.74 -8.35
N GLU B 144 -6.28 25.75 -9.22
CA GLU B 144 -6.74 27.10 -8.93
C GLU B 144 -8.13 27.15 -8.29
N SER B 145 -9.07 26.37 -8.80
CA SER B 145 -10.45 26.45 -8.35
C SER B 145 -10.64 25.89 -6.94
N LYS B 146 -9.80 24.94 -6.56
CA LYS B 146 -9.80 24.38 -5.21
C LYS B 146 -9.23 25.36 -4.19
N VAL B 147 -8.25 26.15 -4.60
CA VAL B 147 -7.76 27.22 -3.72
C VAL B 147 -8.92 28.20 -3.57
N PHE B 148 -9.42 28.70 -4.69
CA PHE B 148 -10.52 29.67 -4.72
C PHE B 148 -11.59 29.35 -3.67
N THR B 149 -12.14 28.14 -3.67
CA THR B 149 -13.22 27.78 -2.74
C THR B 149 -12.77 27.39 -1.33
N HIS B 150 -11.46 27.21 -1.10
CA HIS B 150 -10.98 26.88 0.26
C HIS B 150 -9.84 27.80 0.64
N LEU B 151 -10.02 29.09 0.41
CA LEU B 151 -8.93 30.04 0.49
C LEU B 151 -8.17 30.01 1.81
N ARG B 152 -8.90 30.08 2.91
CA ARG B 152 -8.28 30.28 4.22
C ARG B 152 -7.39 29.10 4.65
N ASN B 153 -7.92 27.88 4.55
CA ASN B 153 -7.11 26.66 4.67
C ASN B 153 -5.88 26.69 3.74
N ALA B 154 -6.10 27.11 2.50
CA ALA B 154 -5.02 27.18 1.52
C ALA B 154 -3.97 28.19 1.95
N GLN B 155 -4.41 29.36 2.41
CA GLN B 155 -3.45 30.36 2.94
C GLN B 155 -2.60 29.78 4.06
N GLN B 156 -3.21 29.02 4.95
CA GLN B 156 -2.49 28.42 6.07
C GLN B 156 -1.50 27.38 5.58
N PHE B 157 -1.89 26.63 4.55
CA PHE B 157 -1.00 25.65 3.97
C PHE B 157 0.21 26.35 3.38
N LEU B 158 -0.01 27.42 2.62
CA LEU B 158 1.05 28.13 1.92
C LEU B 158 2.11 28.65 2.88
N ALA B 159 1.65 29.23 3.99
CA ALA B 159 2.57 29.78 4.98
C ALA B 159 3.37 28.65 5.63
N ALA B 160 2.68 27.60 6.02
CA ALA B 160 3.31 26.50 6.73
C ALA B 160 4.35 25.78 5.84
N VAL B 161 3.99 25.51 4.60
CA VAL B 161 4.86 24.76 3.69
C VAL B 161 5.97 25.67 3.18
N SER B 162 5.66 26.95 2.95
CA SER B 162 6.65 27.97 2.51
C SER B 162 7.75 28.18 3.51
N ALA B 163 7.44 28.08 4.79
CA ALA B 163 8.44 28.15 5.83
C ALA B 163 9.46 27.01 5.72
N MET B 164 9.14 25.94 4.98
CA MET B 164 10.03 24.80 4.82
C MET B 164 10.85 24.91 3.54
N ASP B 165 10.65 26.01 2.82
CA ASP B 165 11.27 26.32 1.52
C ASP B 165 10.68 25.53 0.33
N CYS B 166 9.54 24.87 0.52
CA CYS B 166 8.86 24.22 -0.58
C CYS B 166 8.15 25.24 -1.46
N LYS B 167 8.03 24.97 -2.75
CA LYS B 167 7.29 25.80 -3.66
C LYS B 167 5.83 25.33 -3.66
N VAL B 168 4.90 26.27 -3.58
CA VAL B 168 3.48 25.96 -3.73
C VAL B 168 2.98 26.72 -4.92
N GLY B 169 2.21 26.04 -5.76
CA GLY B 169 1.77 26.63 -7.02
C GLY B 169 0.44 26.10 -7.44
N LEU B 170 -0.12 26.69 -8.49
CA LEU B 170 -1.48 26.41 -8.92
C LEU B 170 -1.48 25.84 -10.32
N GLU B 171 -2.27 24.80 -10.53
CA GLU B 171 -2.48 24.24 -11.89
C GLU B 171 -3.88 24.59 -12.38
N GLN B 172 -4.17 24.33 -13.66
CA GLN B 172 -5.43 24.75 -14.28
CA GLN B 172 -5.44 24.75 -14.27
C GLN B 172 -5.70 26.25 -14.06
N PHE B 173 -4.67 27.06 -14.25
CA PHE B 173 -4.78 28.49 -14.01
C PHE B 173 -5.21 29.31 -15.23
N GLY B 174 -6.22 30.15 -15.02
CA GLY B 174 -6.60 31.18 -15.99
C GLY B 174 -7.94 30.92 -16.63
N SER B 175 -8.62 29.88 -16.15
CA SER B 175 -10.03 29.60 -16.52
C SER B 175 -10.95 30.66 -15.90
N GLY B 176 -10.68 31.05 -14.66
CA GLY B 176 -11.48 32.06 -13.95
C GLY B 176 -11.59 33.37 -14.71
N LEU B 177 -12.73 34.04 -14.54
CA LEU B 177 -12.99 35.29 -15.26
C LEU B 177 -11.82 36.23 -14.95
N ASP B 178 -11.58 36.47 -13.65
CA ASP B 178 -10.33 37.13 -13.21
C ASP B 178 -9.57 36.28 -12.19
N SER B 179 -8.73 35.40 -12.74
CA SER B 179 -7.87 34.54 -11.96
C SER B 179 -6.79 35.33 -11.21
N PHE B 180 -6.41 36.50 -11.73
CA PHE B 180 -5.44 37.37 -11.06
C PHE B 180 -5.96 37.93 -9.74
N GLN B 181 -7.27 38.01 -9.60
CA GLN B 181 -7.86 38.44 -8.33
C GLN B 181 -7.41 37.52 -7.19
N LEU B 182 -7.40 36.22 -7.46
CA LEU B 182 -6.92 35.23 -6.47
C LEU B 182 -5.48 35.51 -6.06
N LEU B 183 -4.65 35.95 -7.01
CA LEU B 183 -3.24 36.20 -6.72
C LEU B 183 -3.03 37.34 -5.75
N ALA B 184 -4.05 38.18 -5.60
CA ALA B 184 -4.05 39.24 -4.61
C ALA B 184 -4.11 38.67 -3.18
N HIS B 185 -4.71 37.49 -3.04
CA HIS B 185 -4.89 36.85 -1.74
C HIS B 185 -3.95 35.62 -1.48
N PHE B 186 -3.35 35.06 -2.54
CA PHE B 186 -2.55 33.81 -2.47
C PHE B 186 -1.38 33.96 -3.43
N HIS B 187 -0.15 34.12 -2.92
CA HIS B 187 1.00 34.40 -3.79
C HIS B 187 1.77 33.09 -4.13
N PRO B 188 1.56 32.54 -5.35
CA PRO B 188 2.18 31.25 -5.69
C PRO B 188 3.61 31.36 -6.21
N ALA B 189 4.38 30.28 -6.05
CA ALA B 189 5.70 30.19 -6.65
C ALA B 189 5.61 30.00 -8.18
N PHE B 190 4.52 29.40 -8.65
CA PHE B 190 4.32 29.11 -10.06
C PHE B 190 2.85 28.92 -10.39
N LEU B 191 2.54 29.19 -11.66
CA LEU B 191 1.23 28.94 -12.24
C LEU B 191 1.41 28.01 -13.41
N LYS B 192 0.57 27.00 -13.47
CA LYS B 192 0.50 26.16 -14.63
C LYS B 192 -0.82 26.45 -15.34
N LEU B 193 -0.71 26.87 -16.61
CA LEU B 193 -1.83 27.39 -17.40
C LEU B 193 -2.83 26.31 -17.68
N ASP B 194 -4.12 26.63 -17.50
CA ASP B 194 -5.17 25.70 -17.90
C ASP B 194 -5.04 25.37 -19.38
N ARG B 195 -5.31 24.10 -19.67
CA ARG B 195 -5.23 23.55 -20.99
C ARG B 195 -6.28 24.14 -21.94
N GLY B 196 -7.42 24.60 -21.40
CA GLY B 196 -8.37 25.36 -22.21
C GLY B 196 -7.67 26.49 -22.95
N ILE B 197 -6.82 27.24 -22.24
CA ILE B 197 -6.06 28.38 -22.80
CA ILE B 197 -6.12 28.38 -22.84
C ILE B 197 -4.94 27.99 -23.75
N THR B 198 -4.25 26.88 -23.45
CA THR B 198 -3.01 26.56 -24.15
C THR B 198 -3.10 25.57 -25.30
N GLY B 199 -4.18 24.78 -25.36
CA GLY B 199 -4.31 23.74 -26.36
C GLY B 199 -4.20 24.26 -27.79
N ASP B 200 -4.84 25.39 -28.04
CA ASP B 200 -4.83 26.01 -29.38
C ASP B 200 -3.99 27.29 -29.46
N ILE B 201 -2.93 27.40 -28.65
CA ILE B 201 -2.09 28.63 -28.64
C ILE B 201 -1.47 28.97 -30.01
N ALA B 202 -1.06 27.95 -30.75
CA ALA B 202 -0.38 28.13 -32.05
C ALA B 202 -1.28 28.80 -33.10
N SER B 203 -2.59 28.61 -32.96
CA SER B 203 -3.56 29.06 -33.99
C SER B 203 -4.42 30.25 -33.58
N ALA B 204 -4.65 30.46 -32.29
CA ALA B 204 -5.64 31.44 -31.85
C ALA B 204 -4.99 32.73 -31.38
N ARG B 205 -5.37 33.85 -31.99
CA ARG B 205 -4.97 35.17 -31.47
C ARG B 205 -5.60 35.39 -30.11
N ASP B 206 -6.82 34.88 -29.93
CA ASP B 206 -7.51 34.88 -28.62
C ASP B 206 -6.55 34.38 -27.51
N SER B 207 -5.91 33.24 -27.77
CA SER B 207 -5.11 32.57 -26.75
C SER B 207 -3.70 33.14 -26.61
N GLN B 208 -3.04 33.39 -27.74
CA GLN B 208 -1.70 34.03 -27.71
C GLN B 208 -1.71 35.27 -26.81
N GLU B 209 -2.75 36.08 -26.94
CA GLU B 209 -2.80 37.36 -26.27
C GLU B 209 -3.18 37.20 -24.79
N LYS B 210 -4.07 36.26 -24.52
CA LYS B 210 -4.38 35.88 -23.14
C LYS B 210 -3.13 35.35 -22.37
N ILE B 211 -2.29 34.58 -23.05
CA ILE B 211 -1.12 34.01 -22.41
C ILE B 211 -0.05 35.06 -22.16
N ARG B 212 0.13 36.00 -23.10
CA ARG B 212 1.10 37.08 -22.91
C ARG B 212 0.68 38.03 -21.78
N GLU B 213 -0.62 38.20 -21.55
CA GLU B 213 -1.08 38.99 -20.41
C GLU B 213 -0.78 38.28 -19.09
N ILE B 214 -0.91 36.96 -19.06
CA ILE B 214 -0.53 36.19 -17.87
C ILE B 214 0.97 36.32 -17.59
N THR B 215 1.81 36.07 -18.60
CA THR B 215 3.25 36.16 -18.42
C THR B 215 3.73 37.60 -18.10
N SER B 216 3.12 38.62 -18.71
CA SER B 216 3.53 40.02 -18.42
C SER B 216 3.29 40.37 -16.95
N ARG B 217 2.25 39.81 -16.36
CA ARG B 217 1.96 40.01 -14.92
C ARG B 217 2.77 39.08 -14.00
N ALA B 218 2.97 37.83 -14.43
CA ALA B 218 3.73 36.84 -13.65
C ALA B 218 5.20 37.24 -13.50
N GLN B 219 5.84 37.66 -14.59
CA GLN B 219 7.29 37.85 -14.55
C GLN B 219 7.78 38.93 -13.57
N PRO B 220 7.05 40.06 -13.46
CA PRO B 220 7.47 41.06 -12.45
C PRO B 220 7.15 40.66 -11.03
N ALA B 221 6.02 39.98 -10.85
CA ALA B 221 5.66 39.39 -9.56
C ALA B 221 6.57 38.23 -9.12
N GLY B 222 7.53 37.84 -9.96
CA GLY B 222 8.42 36.70 -9.67
C GLY B 222 7.73 35.34 -9.66
N ILE B 223 6.65 35.20 -10.43
CA ILE B 223 5.89 33.95 -10.52
C ILE B 223 6.29 33.19 -11.80
N LEU B 224 6.69 31.91 -11.66
CA LEU B 224 7.02 31.09 -12.83
C LEU B 224 5.74 30.67 -13.55
N THR B 225 5.82 30.58 -14.87
CA THR B 225 4.70 30.15 -15.69
C THR B 225 5.04 28.86 -16.37
N MET B 226 4.04 28.02 -16.54
CA MET B 226 4.23 26.67 -17.06
C MET B 226 3.09 26.28 -17.95
N ALA B 227 3.38 25.52 -19.00
CA ALA B 227 2.36 24.99 -19.89
C ALA B 227 2.49 23.49 -19.93
N GLU B 228 1.35 22.81 -20.01
CA GLU B 228 1.28 21.36 -20.11
C GLU B 228 0.43 20.91 -21.28
N PHE B 229 0.47 19.61 -21.49
CA PHE B 229 -0.12 18.93 -22.65
C PHE B 229 0.48 19.44 -23.96
N VAL B 230 1.75 19.83 -23.94
CA VAL B 230 2.37 20.37 -25.14
C VAL B 230 2.61 19.23 -26.10
N ALA B 231 1.91 19.28 -27.23
CA ALA B 231 1.86 18.21 -28.19
C ALA B 231 2.49 18.50 -29.57
N ASP B 232 3.09 19.68 -29.79
CA ASP B 232 3.76 19.98 -31.07
C ASP B 232 4.71 21.17 -31.01
N ALA B 233 5.58 21.25 -32.02
CA ALA B 233 6.62 22.27 -32.11
C ALA B 233 6.08 23.71 -32.25
N GLN B 234 4.97 23.88 -32.97
CA GLN B 234 4.41 25.21 -33.11
C GLN B 234 3.99 25.74 -31.75
N SER B 235 3.35 24.89 -30.95
CA SER B 235 2.96 25.29 -29.62
C SER B 235 4.19 25.69 -28.79
N MET B 236 5.28 24.92 -28.91
CA MET B 236 6.50 25.23 -28.15
CA MET B 236 6.53 25.21 -28.17
C MET B 236 7.04 26.61 -28.50
N SER B 237 7.05 26.95 -29.80
CA SER B 237 7.55 28.25 -30.25
C SER B 237 6.71 29.39 -29.72
N SER B 238 5.39 29.24 -29.78
CA SER B 238 4.47 30.20 -29.20
C SER B 238 4.71 30.40 -27.71
N PHE B 239 4.87 29.30 -26.96
CA PHE B 239 5.18 29.44 -25.51
C PHE B 239 6.51 30.14 -25.28
N PHE B 240 7.51 29.78 -26.06
CA PHE B 240 8.81 30.41 -25.93
C PHE B 240 8.68 31.94 -26.04
N SER B 241 8.00 32.39 -27.10
CA SER B 241 7.90 33.83 -27.39
C SER B 241 6.99 34.51 -26.39
N ALA B 242 5.94 33.82 -25.91
CA ALA B 242 5.07 34.39 -24.89
C ALA B 242 5.77 34.57 -23.53
N GLY B 243 7.02 34.13 -23.43
CA GLY B 243 7.76 34.20 -22.16
C GLY B 243 7.48 33.10 -21.13
N VAL B 244 6.80 32.03 -21.53
CA VAL B 244 6.50 30.94 -20.59
C VAL B 244 7.79 30.31 -20.07
N ASP B 245 7.86 29.98 -18.79
CA ASP B 245 9.09 29.43 -18.26
C ASP B 245 9.32 27.94 -18.54
N TYR B 246 8.28 27.15 -18.36
CA TYR B 246 8.42 25.70 -18.41
C TYR B 246 7.42 25.07 -19.31
N VAL B 247 7.80 23.98 -19.96
CA VAL B 247 6.83 23.20 -20.74
C VAL B 247 6.94 21.70 -20.44
N GLN B 248 5.81 21.00 -20.51
CA GLN B 248 5.78 19.54 -20.40
C GLN B 248 4.75 18.98 -21.36
N GLY B 249 4.95 17.76 -21.79
CA GLY B 249 3.94 17.08 -22.56
C GLY B 249 4.53 15.99 -23.43
N ASP B 250 3.68 15.22 -24.12
CA ASP B 250 4.20 14.07 -24.88
C ASP B 250 5.15 14.51 -26.00
N PHE B 251 4.96 15.70 -26.54
CA PHE B 251 5.91 16.18 -27.53
C PHE B 251 7.23 16.47 -26.89
N VAL B 252 7.19 16.92 -25.64
CA VAL B 252 8.39 17.35 -24.97
C VAL B 252 9.21 16.15 -24.50
N ALA B 253 8.56 15.22 -23.81
CA ALA B 253 9.23 14.02 -23.31
C ALA B 253 8.24 13.06 -22.66
N PRO B 254 8.46 11.78 -22.87
CA PRO B 254 7.51 10.80 -22.39
C PRO B 254 7.57 10.60 -20.85
N THR B 255 6.46 10.13 -20.31
CA THR B 255 6.37 9.73 -18.91
CA THR B 255 6.40 9.74 -18.90
C THR B 255 6.73 8.26 -18.75
N GLY B 256 7.45 7.93 -17.69
CA GLY B 256 7.88 6.58 -17.42
C GLY B 256 8.51 6.42 -16.05
N PRO B 257 8.93 5.17 -15.73
CA PRO B 257 9.39 4.87 -14.40
C PRO B 257 10.76 5.44 -14.07
N LEU B 258 11.54 5.80 -15.09
CA LEU B 258 12.93 6.15 -14.92
C LEU B 258 13.18 7.66 -15.03
N MET B 259 14.12 8.16 -14.23
CA MET B 259 14.57 9.54 -14.35
C MET B 259 15.84 9.57 -15.18
N ASN B 260 15.68 9.40 -16.48
CA ASN B 260 16.86 9.31 -17.34
C ASN B 260 16.81 10.37 -18.44
N TYR B 261 16.08 11.46 -18.24
CA TYR B 261 16.06 12.51 -19.25
C TYR B 261 17.32 13.38 -19.08
N GLU B 262 17.95 13.80 -20.18
CA GLU B 262 19.18 14.64 -20.09
C GLU B 262 18.74 16.08 -20.20
N PHE B 263 18.79 16.83 -19.11
CA PHE B 263 18.30 18.20 -19.12
C PHE B 263 19.44 19.15 -19.57
N GLY B 264 19.07 20.34 -20.01
CA GLY B 264 20.06 21.28 -20.54
C GLY B 264 19.88 21.47 -22.03
N ALA C 6 1.52 3.99 -32.97
CA ALA C 6 2.31 3.58 -34.17
C ALA C 6 2.12 2.09 -34.48
N ARG C 7 1.52 1.35 -33.56
CA ARG C 7 1.49 -0.13 -33.62
C ARG C 7 0.08 -0.75 -33.65
N GLN C 8 -0.76 -0.32 -32.72
CA GLN C 8 -1.99 -1.03 -32.31
C GLN C 8 -3.12 -1.27 -33.37
N GLY C 9 -3.46 -0.26 -34.16
CA GLY C 9 -4.37 -0.46 -35.30
C GLY C 9 -5.85 -0.42 -34.91
N ILE C 10 -6.59 -1.48 -35.27
CA ILE C 10 -8.00 -1.55 -34.95
C ILE C 10 -8.30 -2.74 -34.04
N LEU C 11 -8.71 -2.44 -32.82
CA LEU C 11 -9.13 -3.45 -31.86
C LEU C 11 -10.60 -3.71 -32.05
N SER C 12 -11.00 -4.97 -31.85
CA SER C 12 -12.38 -5.39 -31.93
C SER C 12 -12.79 -6.20 -30.72
N LEU C 13 -14.02 -5.97 -30.28
CA LEU C 13 -14.58 -6.74 -29.22
C LEU C 13 -16.05 -6.92 -29.50
N ALA C 14 -16.49 -8.18 -29.55
CA ALA C 14 -17.90 -8.54 -29.71
C ALA C 14 -18.38 -9.29 -28.48
N LEU C 15 -19.43 -8.78 -27.84
CA LEU C 15 -19.99 -9.41 -26.65
C LEU C 15 -21.37 -9.96 -26.99
N LYS C 16 -21.48 -11.29 -26.95
CA LYS C 16 -22.69 -11.99 -27.39
C LYS C 16 -23.84 -11.83 -26.42
N ASP C 17 -23.55 -11.86 -25.12
CA ASP C 17 -24.59 -11.92 -24.08
C ASP C 17 -24.35 -10.95 -22.93
N LYS C 18 -25.38 -10.71 -22.12
CA LYS C 18 -25.29 -9.75 -21.04
C LYS C 18 -24.29 -10.12 -19.93
N PRO C 19 -24.13 -11.42 -19.64
CA PRO C 19 -23.08 -11.81 -18.68
C PRO C 19 -21.65 -11.49 -19.16
N ALA C 20 -21.40 -11.64 -20.46
CA ALA C 20 -20.09 -11.31 -21.04
C ALA C 20 -19.86 -9.79 -21.00
N LEU C 21 -20.92 -9.03 -21.24
CA LEU C 21 -20.85 -7.57 -21.12
C LEU C 21 -20.62 -7.14 -19.66
N TYR C 22 -21.33 -7.78 -18.73
CA TYR C 22 -21.15 -7.49 -17.31
C TYR C 22 -19.70 -7.71 -16.89
N SER C 23 -19.16 -8.83 -17.34
CA SER C 23 -17.82 -9.25 -17.00
C SER C 23 -16.76 -8.27 -17.53
N ALA C 24 -16.96 -7.77 -18.75
CA ALA C 24 -16.04 -6.81 -19.40
C ALA C 24 -16.16 -5.35 -18.95
N TYR C 25 -17.36 -4.92 -18.59
CA TYR C 25 -17.60 -3.52 -18.29
C TYR C 25 -16.93 -3.11 -16.98
N MET C 26 -16.48 -1.85 -16.95
CA MET C 26 -15.80 -1.22 -15.82
C MET C 26 -16.59 0.02 -15.37
N PRO C 27 -17.58 -0.17 -14.49
CA PRO C 27 -18.47 0.94 -14.17
C PRO C 27 -17.87 2.01 -13.27
N PHE C 28 -16.74 1.69 -12.66
CA PHE C 28 -16.07 2.49 -11.65
CA PHE C 28 -16.12 2.60 -11.69
C PHE C 28 -15.00 3.42 -12.28
N VAL C 29 -14.57 3.08 -13.49
CA VAL C 29 -13.68 3.95 -14.24
C VAL C 29 -14.50 5.17 -14.56
N LYS C 30 -13.93 6.36 -14.46
CA LYS C 30 -14.67 7.58 -14.80
C LYS C 30 -14.94 7.70 -16.31
N GLY C 31 -16.21 7.89 -16.67
CA GLY C 31 -16.68 7.93 -18.06
C GLY C 31 -17.05 6.56 -18.57
N GLY C 32 -16.81 5.54 -17.77
CA GLY C 32 -17.00 4.16 -18.18
C GLY C 32 -15.74 3.65 -18.85
N GLY C 33 -15.55 2.34 -18.79
CA GLY C 33 -14.50 1.69 -19.53
C GLY C 33 -14.86 0.25 -19.74
N ILE C 34 -13.97 -0.46 -20.42
CA ILE C 34 -14.22 -1.82 -20.77
C ILE C 34 -12.90 -2.55 -20.95
N PHE C 35 -12.87 -3.81 -20.52
CA PHE C 35 -11.70 -4.65 -20.65
C PHE C 35 -11.75 -5.33 -22.01
N VAL C 36 -10.65 -5.26 -22.72
CA VAL C 36 -10.54 -5.86 -24.04
C VAL C 36 -9.40 -6.87 -24.11
N PRO C 37 -9.71 -8.17 -24.35
CA PRO C 37 -8.61 -9.13 -24.46
C PRO C 37 -7.72 -8.88 -25.66
N THR C 38 -6.40 -8.92 -25.45
CA THR C 38 -5.46 -8.80 -26.55
C THR C 38 -4.03 -9.15 -26.09
N PRO C 39 -3.30 -9.94 -26.91
CA PRO C 39 -1.91 -10.22 -26.58
C PRO C 39 -0.98 -9.06 -26.98
N LYS C 40 -1.50 -8.00 -27.58
CA LYS C 40 -0.62 -6.90 -28.00
C LYS C 40 0.00 -6.22 -26.77
N ARG C 41 1.18 -5.67 -26.95
CA ARG C 41 1.84 -4.92 -25.89
C ARG C 41 1.27 -3.51 -25.95
N TYR C 42 0.67 -3.05 -24.85
CA TYR C 42 0.27 -1.63 -24.71
C TYR C 42 0.81 -1.08 -23.44
N MET C 43 0.85 0.25 -23.39
CA MET C 43 1.21 0.90 -22.17
CA MET C 43 1.29 1.05 -22.25
C MET C 43 0.10 1.85 -21.72
N LEU C 44 0.11 2.16 -20.43
CA LEU C 44 -0.85 3.10 -19.84
C LEU C 44 -0.81 4.41 -20.59
N GLY C 45 -1.99 4.96 -20.87
CA GLY C 45 -2.07 6.25 -21.57
C GLY C 45 -2.05 6.13 -23.10
N ASP C 46 -1.72 4.97 -23.66
CA ASP C 46 -1.86 4.79 -25.10
C ASP C 46 -3.32 5.00 -25.56
N GLU C 47 -3.50 5.65 -26.71
CA GLU C 47 -4.83 5.76 -27.31
C GLU C 47 -5.12 4.45 -28.02
N VAL C 48 -6.39 4.09 -28.08
CA VAL C 48 -6.80 2.89 -28.75
C VAL C 48 -8.10 3.20 -29.49
N PHE C 49 -8.26 2.59 -30.66
CA PHE C 49 -9.47 2.65 -31.43
C PHE C 49 -10.14 1.29 -31.37
N LEU C 50 -11.27 1.24 -30.70
CA LEU C 50 -11.97 0.01 -30.45
C LEU C 50 -13.25 0.06 -31.26
N LEU C 51 -13.60 -1.04 -31.90
CA LEU C 51 -14.91 -1.26 -32.46
C LEU C 51 -15.61 -2.27 -31.55
N LEU C 52 -16.69 -1.84 -30.94
CA LEU C 52 -17.33 -2.60 -29.90
C LEU C 52 -18.70 -3.07 -30.41
N THR C 53 -18.95 -4.37 -30.40
CA THR C 53 -20.28 -4.90 -30.71
C THR C 53 -20.95 -5.38 -29.43
N LEU C 54 -22.09 -4.79 -29.10
CA LEU C 54 -22.89 -5.16 -27.92
C LEU C 54 -23.92 -6.27 -28.28
N PRO C 55 -24.47 -6.98 -27.28
CA PRO C 55 -25.42 -8.09 -27.56
C PRO C 55 -26.72 -7.68 -28.27
N ASP C 56 -27.27 -6.52 -27.94
CA ASP C 56 -28.53 -6.10 -28.57
C ASP C 56 -28.49 -6.00 -30.11
N SER C 57 -27.31 -5.95 -30.73
CA SER C 57 -27.21 -5.50 -32.13
C SER C 57 -25.92 -5.88 -32.83
N SER C 58 -25.97 -5.83 -34.15
CA SER C 58 -24.84 -6.19 -34.98
C SER C 58 -23.99 -4.94 -35.29
N GLU C 59 -24.44 -3.77 -34.87
CA GLU C 59 -23.73 -2.54 -35.14
C GLU C 59 -22.39 -2.44 -34.34
N ARG C 60 -21.33 -2.16 -35.09
CA ARG C 60 -20.01 -1.89 -34.50
C ARG C 60 -19.94 -0.45 -34.04
N LEU C 61 -19.75 -0.26 -32.74
CA LEU C 61 -19.65 1.05 -32.12
C LEU C 61 -18.18 1.54 -31.99
N PRO C 62 -17.87 2.71 -32.52
CA PRO C 62 -16.51 3.15 -32.46
C PRO C 62 -16.20 3.83 -31.13
N VAL C 63 -15.07 3.46 -30.53
CA VAL C 63 -14.66 4.07 -29.28
C VAL C 63 -13.23 4.52 -29.38
N ALA C 64 -13.01 5.82 -29.19
CA ALA C 64 -11.70 6.38 -29.09
C ALA C 64 -11.28 6.35 -27.62
N GLY C 65 -10.57 5.31 -27.19
CA GLY C 65 -10.27 5.21 -25.76
C GLY C 65 -8.82 5.42 -25.37
N LYS C 66 -8.59 5.32 -24.04
CA LYS C 66 -7.25 5.38 -23.45
C LYS C 66 -7.00 4.17 -22.53
N VAL C 67 -5.80 3.59 -22.62
CA VAL C 67 -5.42 2.46 -21.82
C VAL C 67 -5.27 2.93 -20.36
N ILE C 68 -6.08 2.36 -19.48
CA ILE C 68 -5.94 2.72 -18.07
C ILE C 68 -5.59 1.54 -17.20
N TRP C 69 -5.40 0.39 -17.83
CA TRP C 69 -5.12 -0.85 -17.12
CA TRP C 69 -5.16 -0.87 -17.13
C TRP C 69 -4.49 -1.80 -18.11
N THR C 70 -3.34 -2.35 -17.74
CA THR C 70 -2.68 -3.39 -18.53
C THR C 70 -2.54 -4.65 -17.68
N THR C 71 -2.75 -5.80 -18.32
CA THR C 71 -2.72 -7.11 -17.67
C THR C 71 -2.01 -8.11 -18.57
N PRO C 72 -1.05 -8.88 -18.03
CA PRO C 72 -0.37 -9.91 -18.84
C PRO C 72 -1.08 -11.25 -18.67
N ALA C 73 -0.63 -12.28 -19.39
CA ALA C 73 -1.12 -13.65 -19.17
C ALA C 73 -2.62 -13.75 -19.41
N ALA C 80 -5.36 -14.73 -20.74
CA ALA C 80 -6.17 -13.57 -21.14
C ALA C 80 -5.50 -12.25 -20.79
N ALA C 81 -4.38 -11.96 -21.44
CA ALA C 81 -3.83 -10.63 -21.42
C ALA C 81 -4.85 -9.68 -22.03
N GLY C 82 -4.75 -8.41 -21.69
CA GLY C 82 -5.67 -7.43 -22.21
C GLY C 82 -5.49 -6.08 -21.60
N ILE C 83 -6.35 -5.15 -21.99
CA ILE C 83 -6.26 -3.79 -21.52
C ILE C 83 -7.61 -3.32 -21.04
N GLY C 84 -7.61 -2.44 -20.07
CA GLY C 84 -8.81 -1.73 -19.72
C GLY C 84 -8.75 -0.40 -20.46
N VAL C 85 -9.84 -0.10 -21.15
CA VAL C 85 -9.98 1.04 -22.03
C VAL C 85 -11.03 1.99 -21.47
N GLN C 86 -10.63 3.19 -21.13
CA GLN C 86 -11.53 4.22 -20.69
C GLN C 86 -12.20 4.87 -21.91
N PHE C 87 -13.50 5.08 -21.81
CA PHE C 87 -14.28 5.73 -22.87
C PHE C 87 -13.98 7.23 -22.89
N PRO C 88 -14.08 7.87 -24.07
CA PRO C 88 -13.75 9.29 -24.09
C PRO C 88 -14.79 10.13 -23.33
N ASP C 89 -14.36 11.31 -22.90
CA ASP C 89 -15.24 12.32 -22.30
C ASP C 89 -16.04 12.94 -23.43
N GLY C 90 -17.35 12.93 -23.33
CA GLY C 90 -18.18 13.62 -24.32
C GLY C 90 -19.28 12.72 -24.83
N PRO C 91 -20.06 13.22 -25.81
CA PRO C 91 -21.24 12.56 -26.40
C PRO C 91 -21.04 11.14 -26.92
N GLU C 92 -20.00 10.93 -27.75
CA GLU C 92 -19.68 9.57 -28.27
C GLU C 92 -19.49 8.60 -27.10
N GLY C 93 -18.69 9.00 -26.13
CA GLY C 93 -18.40 8.13 -24.98
C GLY C 93 -19.61 7.88 -24.11
N GLU C 94 -20.32 8.96 -23.80
CA GLU C 94 -21.53 8.86 -22.98
C GLU C 94 -22.60 7.99 -23.66
N ALA C 95 -22.74 8.10 -24.97
CA ALA C 95 -23.66 7.24 -25.74
C ALA C 95 -23.35 5.76 -25.58
N VAL C 96 -22.08 5.38 -25.75
CA VAL C 96 -21.70 3.97 -25.56
C VAL C 96 -21.95 3.49 -24.13
N ARG C 97 -21.62 4.31 -23.15
CA ARG C 97 -21.81 3.91 -21.74
C ARG C 97 -23.30 3.71 -21.43
N ASN C 98 -24.10 4.68 -21.85
CA ASN C 98 -25.58 4.57 -21.84
C ASN C 98 -26.10 3.28 -22.44
N LYS C 99 -25.68 2.96 -23.66
CA LYS C 99 -26.10 1.73 -24.24
C LYS C 99 -25.77 0.57 -23.32
N ILE C 100 -24.55 0.55 -22.78
CA ILE C 100 -24.13 -0.55 -21.92
C ILE C 100 -24.92 -0.60 -20.62
N GLU C 101 -25.14 0.56 -20.01
CA GLU C 101 -25.85 0.63 -18.73
C GLU C 101 -27.34 0.26 -18.89
N THR C 102 -28.01 0.77 -19.94
CA THR C 102 -29.39 0.34 -20.26
C THR C 102 -29.50 -1.20 -20.40
N LEU C 103 -28.57 -1.80 -21.14
CA LEU C 103 -28.56 -3.27 -21.33
C LEU C 103 -28.43 -4.02 -20.00
N LEU C 104 -27.46 -3.61 -19.18
CA LEU C 104 -27.17 -4.28 -17.92
C LEU C 104 -28.15 -3.93 -16.79
N ALA C 105 -29.08 -3.01 -17.03
CA ALA C 105 -30.01 -2.54 -15.99
C ALA C 105 -31.28 -3.40 -15.94
N GLY C 106 -31.67 -3.96 -17.09
CA GLY C 106 -32.91 -4.75 -17.18
C GLY C 106 -34.16 -3.99 -16.78
N GLN D 8 0.13 -36.31 3.84
CA GLN D 8 -1.21 -35.85 3.34
C GLN D 8 -1.13 -35.39 1.87
N GLY D 9 -0.13 -34.53 1.57
CA GLY D 9 0.28 -34.14 0.19
C GLY D 9 -0.57 -33.07 -0.53
N ILE D 10 -1.59 -33.55 -1.26
CA ILE D 10 -2.60 -32.72 -1.91
C ILE D 10 -3.87 -32.71 -1.05
N LEU D 11 -4.21 -31.57 -0.48
CA LEU D 11 -5.54 -31.38 0.10
C LEU D 11 -6.55 -31.19 -1.02
N SER D 12 -7.74 -31.76 -0.83
CA SER D 12 -8.79 -31.60 -1.81
C SER D 12 -10.10 -31.20 -1.13
N LEU D 13 -10.83 -30.28 -1.74
CA LEU D 13 -12.17 -29.94 -1.26
C LEU D 13 -13.08 -29.67 -2.46
N ALA D 14 -14.12 -30.48 -2.57
CA ALA D 14 -15.18 -30.29 -3.55
C ALA D 14 -16.40 -29.83 -2.79
N LEU D 15 -16.97 -28.71 -3.21
CA LEU D 15 -18.16 -28.18 -2.59
C LEU D 15 -19.34 -28.46 -3.50
N LYS D 16 -20.29 -29.27 -3.03
CA LYS D 16 -21.43 -29.74 -3.86
C LYS D 16 -22.32 -28.60 -4.32
N ASP D 17 -22.58 -27.67 -3.40
CA ASP D 17 -23.51 -26.58 -3.69
C ASP D 17 -23.21 -25.28 -2.95
N LYS D 18 -23.99 -24.25 -3.27
CA LYS D 18 -23.77 -22.92 -2.76
C LYS D 18 -23.88 -22.85 -1.25
N PRO D 19 -24.83 -23.62 -0.65
CA PRO D 19 -24.86 -23.69 0.82
C PRO D 19 -23.58 -24.22 1.42
N ALA D 20 -23.01 -25.26 0.83
CA ALA D 20 -21.72 -25.77 1.31
C ALA D 20 -20.59 -24.71 1.15
N LEU D 21 -20.66 -23.91 0.08
CA LEU D 21 -19.65 -22.86 -0.16
C LEU D 21 -19.80 -21.73 0.84
N TYR D 22 -21.03 -21.23 0.97
CA TYR D 22 -21.35 -20.19 1.93
C TYR D 22 -20.83 -20.54 3.33
N SER D 23 -20.94 -21.81 3.69
CA SER D 23 -20.60 -22.24 5.02
C SER D 23 -19.10 -22.42 5.17
N ALA D 24 -18.41 -22.78 4.09
CA ALA D 24 -16.97 -23.02 4.13
C ALA D 24 -16.14 -21.71 4.02
N TYR D 25 -16.68 -20.71 3.32
CA TYR D 25 -15.96 -19.49 2.94
C TYR D 25 -15.72 -18.50 4.11
N MET D 26 -14.49 -17.97 4.20
CA MET D 26 -14.13 -16.97 5.24
C MET D 26 -14.04 -15.57 4.61
N PRO D 27 -15.15 -14.81 4.61
CA PRO D 27 -15.16 -13.57 3.86
C PRO D 27 -14.38 -12.44 4.54
N PHE D 28 -14.01 -12.59 5.80
CA PHE D 28 -13.40 -11.46 6.56
C PHE D 28 -11.87 -11.52 6.70
N VAL D 29 -11.27 -12.54 6.10
CA VAL D 29 -9.84 -12.76 6.08
C VAL D 29 -9.28 -11.93 4.95
N LYS D 30 -8.12 -11.30 5.17
CA LYS D 30 -7.48 -10.61 4.03
C LYS D 30 -7.26 -11.61 2.89
N GLY D 31 -7.68 -11.22 1.71
CA GLY D 31 -7.53 -12.04 0.50
C GLY D 31 -8.55 -13.21 0.42
N GLY D 32 -9.39 -13.35 1.44
CA GLY D 32 -10.35 -14.47 1.50
C GLY D 32 -9.74 -15.73 2.09
N GLY D 33 -10.59 -16.61 2.60
CA GLY D 33 -10.12 -17.94 2.98
C GLY D 33 -11.21 -18.98 2.85
N ILE D 34 -10.91 -20.20 3.27
CA ILE D 34 -11.90 -21.27 3.23
C ILE D 34 -11.58 -22.38 4.23
N PHE D 35 -12.60 -22.93 4.85
CA PHE D 35 -12.40 -24.04 5.79
C PHE D 35 -12.31 -25.35 5.00
N VAL D 36 -11.30 -26.15 5.29
CA VAL D 36 -11.05 -27.45 4.66
C VAL D 36 -11.04 -28.54 5.74
N PRO D 37 -11.91 -29.56 5.67
CA PRO D 37 -11.78 -30.74 6.59
C PRO D 37 -10.50 -31.60 6.35
N THR D 38 -9.91 -32.10 7.42
CA THR D 38 -8.72 -32.95 7.36
C THR D 38 -8.48 -33.38 8.80
N PRO D 39 -8.22 -34.67 9.03
CA PRO D 39 -7.91 -35.09 10.40
C PRO D 39 -6.47 -34.76 10.79
N LYS D 40 -5.66 -34.36 9.82
CA LYS D 40 -4.23 -34.30 10.02
C LYS D 40 -3.77 -33.04 10.81
N ARG D 41 -2.54 -33.10 11.32
CA ARG D 41 -2.01 -32.10 12.22
C ARG D 41 -1.27 -31.04 11.41
N TYR D 42 -1.74 -29.79 11.49
CA TYR D 42 -1.05 -28.65 10.85
C TYR D 42 -0.73 -27.61 11.92
N MET D 43 0.26 -26.77 11.63
CA MET D 43 0.57 -25.62 12.49
C MET D 43 0.24 -24.32 11.78
N LEU D 44 -0.16 -23.35 12.58
CA LEU D 44 -0.53 -22.05 12.06
C LEU D 44 0.65 -21.47 11.29
N GLY D 45 0.39 -21.05 10.06
CA GLY D 45 1.43 -20.49 9.22
C GLY D 45 2.02 -21.50 8.23
N ASP D 46 1.68 -22.79 8.36
CA ASP D 46 2.07 -23.79 7.34
C ASP D 46 1.56 -23.34 5.97
N GLU D 47 2.39 -23.51 4.95
CA GLU D 47 2.02 -23.37 3.55
C GLU D 47 1.42 -24.71 3.09
N VAL D 48 0.21 -24.69 2.53
CA VAL D 48 -0.45 -25.91 2.03
C VAL D 48 -0.93 -25.74 0.60
N PHE D 49 -1.02 -26.85 -0.12
CA PHE D 49 -1.52 -26.88 -1.50
C PHE D 49 -2.89 -27.54 -1.48
N LEU D 50 -3.88 -26.86 -2.07
CA LEU D 50 -5.25 -27.34 -2.04
C LEU D 50 -5.77 -27.26 -3.46
N LEU D 51 -6.51 -28.28 -3.87
CA LEU D 51 -7.24 -28.28 -5.13
C LEU D 51 -8.69 -28.12 -4.74
N LEU D 52 -9.32 -27.05 -5.22
CA LEU D 52 -10.68 -26.71 -4.80
C LEU D 52 -11.63 -26.83 -5.96
N THR D 53 -12.76 -27.49 -5.74
CA THR D 53 -13.84 -27.56 -6.74
C THR D 53 -15.06 -26.86 -6.25
N LEU D 54 -15.58 -25.97 -7.08
CA LEU D 54 -16.69 -25.11 -6.74
C LEU D 54 -17.98 -25.64 -7.35
N PRO D 55 -19.13 -25.28 -6.74
CA PRO D 55 -20.47 -25.78 -7.09
C PRO D 55 -20.79 -25.92 -8.57
N ASP D 56 -20.68 -24.82 -9.33
CA ASP D 56 -21.23 -24.76 -10.69
C ASP D 56 -20.21 -25.14 -11.77
N SER D 57 -19.21 -25.96 -11.43
CA SER D 57 -18.20 -26.37 -12.42
C SER D 57 -17.37 -27.59 -11.96
N SER D 58 -16.77 -28.24 -12.96
CA SER D 58 -15.95 -29.41 -12.74
C SER D 58 -14.46 -29.04 -12.58
N GLU D 59 -14.10 -27.82 -12.99
CA GLU D 59 -12.71 -27.34 -12.92
C GLU D 59 -12.19 -27.41 -11.49
N ARG D 60 -11.06 -28.09 -11.31
CA ARG D 60 -10.30 -28.07 -10.05
C ARG D 60 -9.34 -26.87 -10.03
N LEU D 61 -9.50 -26.01 -9.00
CA LEU D 61 -8.74 -24.75 -8.87
C LEU D 61 -7.60 -24.91 -7.85
N PRO D 62 -6.36 -24.68 -8.29
CA PRO D 62 -5.24 -24.82 -7.40
C PRO D 62 -5.07 -23.59 -6.48
N VAL D 63 -4.89 -23.86 -5.19
CA VAL D 63 -4.68 -22.82 -4.17
C VAL D 63 -3.44 -23.10 -3.34
N ALA D 64 -2.40 -22.28 -3.42
CA ALA D 64 -1.29 -22.38 -2.47
C ALA D 64 -1.55 -21.42 -1.31
N GLY D 65 -2.15 -21.93 -0.23
CA GLY D 65 -2.60 -21.09 0.88
C GLY D 65 -1.79 -21.30 2.13
N LYS D 66 -2.19 -20.56 3.18
CA LYS D 66 -1.51 -20.58 4.47
C LYS D 66 -2.54 -20.91 5.54
N VAL D 67 -2.12 -21.73 6.49
CA VAL D 67 -3.01 -22.15 7.57
C VAL D 67 -3.17 -20.97 8.58
N ILE D 68 -4.41 -20.59 8.81
CA ILE D 68 -4.74 -19.47 9.71
C ILE D 68 -5.72 -19.85 10.80
N TRP D 69 -6.15 -21.11 10.79
CA TRP D 69 -7.17 -21.59 11.70
CA TRP D 69 -7.18 -21.59 11.68
C TRP D 69 -6.97 -23.11 11.83
N THR D 70 -7.05 -23.61 13.06
CA THR D 70 -7.07 -25.07 13.32
C THR D 70 -8.29 -25.34 14.23
N THR D 71 -9.06 -26.39 13.92
CA THR D 71 -10.13 -26.86 14.82
C THR D 71 -10.01 -28.37 15.10
N PRO D 72 -10.03 -28.76 16.40
CA PRO D 72 -10.22 -30.19 16.79
C PRO D 72 -11.69 -30.57 17.06
N ARG D 79 -17.93 -27.78 12.61
CA ARG D 79 -18.20 -29.11 13.11
C ARG D 79 -16.92 -29.97 13.04
N ALA D 80 -16.31 -30.01 11.85
CA ALA D 80 -15.26 -30.99 11.53
C ALA D 80 -13.89 -30.66 12.10
N ALA D 81 -13.03 -31.67 12.15
CA ALA D 81 -11.60 -31.44 12.30
C ALA D 81 -11.13 -30.84 10.97
N GLY D 82 -10.25 -29.85 11.03
CA GLY D 82 -9.74 -29.23 9.83
C GLY D 82 -8.95 -27.94 10.04
N ILE D 83 -8.75 -27.22 8.94
CA ILE D 83 -7.93 -26.02 8.92
C ILE D 83 -8.62 -24.93 8.13
N GLY D 84 -8.38 -23.67 8.48
CA GLY D 84 -8.85 -22.56 7.68
C GLY D 84 -7.65 -22.19 6.87
N VAL D 85 -7.85 -22.04 5.56
CA VAL D 85 -6.79 -21.72 4.65
C VAL D 85 -7.01 -20.37 4.04
N GLN D 86 -6.05 -19.46 4.22
CA GLN D 86 -6.10 -18.13 3.65
C GLN D 86 -5.58 -18.20 2.22
N PHE D 87 -6.29 -17.60 1.27
CA PHE D 87 -5.84 -17.57 -0.12
C PHE D 87 -4.62 -16.64 -0.24
N PRO D 88 -3.68 -16.93 -1.17
CA PRO D 88 -2.55 -15.99 -1.41
C PRO D 88 -2.97 -14.77 -2.19
N ASP D 89 -2.10 -13.74 -2.26
CA ASP D 89 -2.42 -12.48 -2.95
CA ASP D 89 -2.43 -12.47 -2.95
C ASP D 89 -2.09 -12.46 -4.45
N GLY D 90 -1.58 -13.55 -4.98
CA GLY D 90 -1.22 -13.58 -6.40
C GLY D 90 -2.47 -13.62 -7.25
N PRO D 91 -2.29 -13.74 -8.56
CA PRO D 91 -3.48 -13.78 -9.41
C PRO D 91 -4.29 -15.07 -9.19
N GLU D 92 -3.64 -16.16 -8.80
CA GLU D 92 -4.35 -17.43 -8.60
C GLU D 92 -5.30 -17.32 -7.39
N GLY D 93 -4.85 -16.68 -6.32
CA GLY D 93 -5.68 -16.45 -5.12
C GLY D 93 -6.82 -15.48 -5.34
N GLU D 94 -6.55 -14.39 -6.06
CA GLU D 94 -7.56 -13.35 -6.32
C GLU D 94 -8.62 -13.91 -7.24
N ALA D 95 -8.18 -14.80 -8.15
CA ALA D 95 -9.05 -15.48 -9.10
C ALA D 95 -10.07 -16.37 -8.39
N VAL D 96 -9.61 -17.15 -7.43
CA VAL D 96 -10.49 -18.05 -6.74
C VAL D 96 -11.43 -17.27 -5.81
N ARG D 97 -10.92 -16.22 -5.19
CA ARG D 97 -11.77 -15.36 -4.40
C ARG D 97 -12.84 -14.74 -5.27
N ASN D 98 -12.46 -14.20 -6.42
CA ASN D 98 -13.44 -13.53 -7.28
CA ASN D 98 -13.45 -13.55 -7.30
C ASN D 98 -14.58 -14.48 -7.66
N LYS D 99 -14.21 -15.71 -8.06
CA LYS D 99 -15.18 -16.73 -8.44
C LYS D 99 -16.14 -17.11 -7.31
N ILE D 100 -15.61 -17.29 -6.09
CA ILE D 100 -16.44 -17.58 -4.92
C ILE D 100 -17.39 -16.44 -4.59
N GLU D 101 -16.89 -15.19 -4.59
CA GLU D 101 -17.70 -14.06 -4.17
C GLU D 101 -18.78 -13.75 -5.18
N THR D 102 -18.46 -13.93 -6.44
CA THR D 102 -19.40 -13.76 -7.51
C THR D 102 -20.51 -14.86 -7.42
N LEU D 103 -20.11 -16.11 -7.23
CA LEU D 103 -21.08 -17.18 -6.98
C LEU D 103 -22.04 -16.85 -5.84
N LEU D 104 -21.49 -16.55 -4.67
CA LEU D 104 -22.29 -16.28 -3.47
C LEU D 104 -23.10 -14.97 -3.58
N ALA D 105 -22.79 -14.11 -4.56
CA ALA D 105 -23.64 -12.96 -4.87
C ALA D 105 -24.90 -13.38 -5.65
N GLY D 106 -24.89 -14.62 -6.16
CA GLY D 106 -26.02 -15.18 -6.88
C GLY D 106 -25.81 -15.18 -8.39
N LEU D 107 -24.59 -14.87 -8.85
CA LEU D 107 -24.34 -14.52 -10.26
C LEU D 107 -23.96 -15.68 -11.19
N THR D 108 -24.44 -15.59 -12.43
CA THR D 108 -24.16 -16.54 -13.56
C THR D 108 -22.88 -17.35 -13.37
P1 C2E E . 4.37 -12.98 9.82
O2P C2E E . 4.98 -12.42 8.61
O1P C2E E . 5.04 -12.97 11.15
O5' C2E E . 3.82 -14.47 9.53
C5' C2E E . 4.60 -15.59 9.20
C4' C2E E . 4.00 -16.90 9.69
O4' C2E E . 5.02 -17.87 9.56
C3' C2E E . 3.57 -16.91 11.16
O3' C2E E . 2.22 -17.37 11.28
C2' C2E E . 4.49 -17.88 11.86
O2' C2E E . 3.79 -18.83 12.67
C1' C2E E . 5.27 -18.60 10.75
N9 C2E E . 6.74 -18.56 10.89
C8 C2E E . 7.60 -19.59 10.76
N7 C2E E . 8.88 -19.16 10.96
C5 C2E E . 8.87 -17.82 11.18
C6 C2E E . 9.80 -16.82 11.46
O6 C2E E . 11.12 -17.00 11.52
N1 C2E E . 9.39 -15.57 11.65
C2 C2E E . 8.08 -15.25 11.59
N2 C2E E . 7.73 -13.96 11.77
N3 C2E E . 7.11 -16.19 11.38
C4 C2E E . 7.45 -17.45 11.18
P11 C2E E . 1.20 -16.73 12.34
O21 C2E E . -0.16 -17.22 11.88
O11 C2E E . 1.77 -16.86 13.71
O5A C2E E . 1.23 -15.17 12.04
C5A C2E E . 0.63 -14.60 10.91
C4A C2E E . 0.76 -13.10 10.94
O4A C2E E . 0.08 -12.65 12.08
C3A C2E E . 2.16 -12.52 11.07
O3A C2E E . 2.88 -12.35 9.86
C2A C2E E . 1.87 -11.19 11.69
O2A C2E E . 1.48 -10.37 10.63
C1A C2E E . 0.64 -11.45 12.57
N91 C2E E . 1.04 -11.71 13.95
C81 C2E E . 1.47 -12.87 14.46
N71 C2E E . 1.78 -12.74 15.78
C51 C2E E . 1.52 -11.45 16.14
C61 C2E E . 1.59 -10.70 17.26
O61 C2E E . 2.04 -11.28 18.38
N11 C2E E . 1.28 -9.37 17.24
C21 C2E E . 0.86 -8.78 16.08
N21 C2E E . 0.48 -7.47 16.04
N31 C2E E . 0.76 -9.50 14.95
C41 C2E E . 1.06 -10.79 14.90
CA CA F . -8.64 1.89 19.62
CA CA G . -22.17 -8.66 0.05
P1 C2E H . -4.52 14.45 -15.65
O2P C2E H . -5.45 15.40 -16.28
O1P C2E H . -3.16 14.84 -15.14
O5' C2E H . -4.32 13.29 -16.73
C5' C2E H . -3.75 13.44 -18.00
C4' C2E H . -3.07 12.15 -18.35
O4' C2E H . -2.30 12.42 -19.52
C3' C2E H . -2.12 11.59 -17.27
O3' C2E H . -2.41 10.21 -17.12
C2' C2E H . -0.73 11.71 -17.82
O2' C2E H . 0.01 10.48 -17.76
C1' C2E H . -0.91 12.10 -19.31
N9 C2E H . -0.14 13.31 -19.67
C8 C2E H . 0.59 13.47 -20.82
N7 C2E H . 1.13 14.72 -20.86
C5 C2E H . 0.71 15.38 -19.75
C6 C2E H . 0.90 16.62 -19.22
O6 C2E H . 1.66 17.49 -19.90
N1 C2E H . 0.33 16.96 -18.03
C2 C2E H . -0.43 16.11 -17.34
N2 C2E H . -0.99 16.53 -16.18
N3 C2E H . -0.68 14.88 -17.81
C4 C2E H . -0.14 14.47 -18.99
P11 C2E H . -2.51 9.46 -15.70
O21 C2E H . -3.12 8.09 -15.91
O11 C2E H . -1.15 9.56 -15.10
O5A C2E H . -3.38 10.42 -14.84
C5A C2E H . -4.79 10.38 -14.88
C4A C2E H . -5.33 11.27 -13.80
O4A C2E H . -5.06 10.65 -12.53
C3A C2E H . -4.78 12.68 -13.72
O3A C2E H . -5.41 13.62 -14.58
C2A C2E H . -5.12 12.99 -12.28
O2A C2E H . -6.49 13.33 -12.13
C1A C2E H . -4.87 11.68 -11.57
N91 C2E H . -3.47 11.56 -11.11
C81 C2E H . -2.39 11.10 -11.77
N71 C2E H . -1.27 11.14 -10.97
C51 C2E H . -1.65 11.64 -9.78
C61 C2E H . -1.05 11.90 -8.55
O61 C2E H . 0.29 11.69 -8.38
N11 C2E H . -1.82 12.42 -7.54
C21 C2E H . -3.15 12.65 -7.69
N21 C2E H . -3.91 13.14 -6.69
N31 C2E H . -3.80 12.39 -8.85
C41 C2E H . -3.10 11.90 -9.89
C1 GOL I . 13.88 22.05 4.69
O1 GOL I . 12.68 22.57 5.21
C2 GOL I . 14.18 20.60 5.07
O2 GOL I . 15.20 20.11 4.23
C3 GOL I . 14.57 20.44 6.55
O3 GOL I . 14.69 19.08 6.95
C1 GOL J . 19.33 23.46 3.40
O1 GOL J . 19.56 23.72 2.02
C2 GOL J . 18.60 22.13 3.62
O2 GOL J . 19.46 21.02 3.51
C3 GOL J . 17.96 22.10 5.02
O3 GOL J . 17.60 20.79 5.41
C1 GOL K . 17.01 5.66 -13.34
O1 GOL K . 18.03 6.23 -14.14
C2 GOL K . 16.75 6.55 -12.12
O2 GOL K . 15.35 6.60 -11.84
C3 GOL K . 17.55 6.06 -10.90
O3 GOL K . 17.84 7.11 -9.99
CA CA L . -16.60 -8.88 0.83
#